data_2GYU
#
_entry.id   2GYU
#
_cell.length_a   78.160
_cell.length_b   110.720
_cell.length_c   226.250
_cell.angle_alpha   90.00
_cell.angle_beta   90.00
_cell.angle_gamma   90.00
#
_symmetry.space_group_name_H-M   'P 21 21 21'
#
loop_
_entity.id
_entity.type
_entity.pdbx_description
1 polymer Acetylcholinesterase
2 branched alpha-L-fucopyranose-(1-6)-2-acetamido-2-deoxy-beta-D-glucopyranose
3 non-polymer 2-acetamido-2-deoxy-beta-D-glucopyranose
4 non-polymer 4-(AMINOCARBONYL)-1-[({2-[(E)-(HYDROXYIMINO)METHYL]PYRIDINIUM-1-YL}METHOXY)METHYL]PYRIDINIUM
5 non-polymer 1-ETHOXY-2-(2-ETHOXYETHOXY)ETHANE
6 non-polymer 'HEXAETHYLENE GLYCOL'
7 water water
#
_entity_poly.entity_id   1
_entity_poly.type   'polypeptide(L)'
_entity_poly.pdbx_seq_one_letter_code
;EGREDPQLLVRVRGGQLRGIRLKAPGGPVSAFLGIPFAEPPVGSRRFMPPEPKRPWSGVLDATTFQNVCYQYVDTLYPGF
EGTEMWNPNRELSEDCLYLNVWTPYPRPASPTPVLIWIYGGGFYSGAASLDVYDGRFLAQVEGAVLVSMNYRVGTFGFLA
LPGSREAPGNVGLLDQRLALQWVQENIAAFGGDPMSVTLFGESAGAASVGMHILSLPSRSLFHRAVLQSGTPNGPWATVS
AGEARRRATLLARLVGCPPGGAGGNDTELIACLRTRPAQDLVDHEWHVLPQESIFRFSFVPVVDGDFLSDTPEALINTGD
FQDLQVLVGVVKDEGSYFLVYGVPGFSKDNESLISRAQFLAGVRIGVPQASDLAAEAVVLHYTDWLHPEDPTHLRDAMSA
VVGDHNVVCPVAQLAGRLAAQGARVYAYIFEHRASTLTWPLWMGVPHGYEIEFIFGLPLDPSLNYTTEERIFAQRLMKYW
TNFARTGDPNDPRDSKSPQWPPYTTAAQQYVSLNLKPLEVRRGLRAQTCAFWNRFLPKLLSAT
;
_entity_poly.pdbx_strand_id   A,B
#
loop_
_chem_comp.id
_chem_comp.type
_chem_comp.name
_chem_comp.formula
FUC L-saccharide, alpha linking alpha-L-fucopyranose 'C6 H12 O5'
HI6 non-polymer 4-(AMINOCARBONYL)-1-[({2-[(E)-(HYDROXYIMINO)METHYL]PYRIDINIUM-1-YL}METHOXY)METHYL]PYRIDINIUM 'C14 H16 N4 O3 2'
NAG D-saccharide, beta linking 2-acetamido-2-deoxy-beta-D-glucopyranose 'C8 H15 N O6'
P4G non-polymer 1-ETHOXY-2-(2-ETHOXYETHOXY)ETHANE 'C8 H18 O3'
P6G non-polymer 'HEXAETHYLENE GLYCOL' 'C12 H26 O7'
#
# COMPACT_ATOMS: atom_id res chain seq x y z
N GLU A 1 22.87 -26.21 59.75
CA GLU A 1 21.98 -25.05 60.03
C GLU A 1 22.28 -24.54 61.42
N GLY A 2 22.23 -23.22 61.62
CA GLY A 2 22.40 -22.65 62.94
C GLY A 2 23.19 -21.36 62.98
N ARG A 3 24.15 -21.23 62.06
CA ARG A 3 24.99 -20.04 61.94
C ARG A 3 24.65 -19.19 60.71
N GLU A 4 23.84 -19.74 59.80
CA GLU A 4 23.40 -19.09 58.57
C GLU A 4 22.37 -18.02 58.83
N ASP A 5 22.09 -17.24 57.78
CA ASP A 5 21.03 -16.25 57.74
C ASP A 5 19.67 -16.96 57.73
N PRO A 6 18.90 -16.86 58.84
CA PRO A 6 17.62 -17.58 58.99
C PRO A 6 16.56 -17.14 57.97
N GLN A 7 16.77 -15.96 57.40
CA GLN A 7 15.82 -15.39 56.47
C GLN A 7 16.06 -15.86 55.03
N LEU A 8 17.02 -16.76 54.85
CA LEU A 8 17.35 -17.33 53.54
C LEU A 8 17.10 -18.82 53.42
N LEU A 9 16.48 -19.40 54.44
CA LEU A 9 16.23 -20.83 54.48
C LEU A 9 14.74 -21.05 54.24
N VAL A 10 14.43 -21.78 53.16
CA VAL A 10 13.07 -22.01 52.69
C VAL A 10 12.92 -23.49 52.28
N ARG A 11 11.75 -24.08 52.54
CA ARG A 11 11.47 -25.43 52.07
C ARG A 11 10.45 -25.39 50.92
N VAL A 12 10.72 -26.16 49.86
CA VAL A 12 9.77 -26.41 48.79
C VAL A 12 9.46 -27.92 48.72
N ARG A 13 8.55 -28.29 47.83
CA ARG A 13 8.05 -29.66 47.71
C ARG A 13 9.16 -30.70 47.65
N GLY A 14 10.23 -30.35 46.98
CA GLY A 14 11.36 -31.26 46.81
C GLY A 14 12.38 -31.22 47.92
N GLY A 15 12.31 -30.21 48.80
CA GLY A 15 13.14 -30.18 49.99
C GLY A 15 13.58 -28.81 50.41
N GLN A 16 14.62 -28.76 51.24
CA GLN A 16 15.14 -27.50 51.75
C GLN A 16 16.08 -26.76 50.80
N LEU A 17 15.96 -25.43 50.79
CA LEU A 17 16.82 -24.58 49.97
C LEU A 17 17.52 -23.55 50.83
N ARG A 18 18.75 -23.20 50.45
CA ARG A 18 19.44 -22.06 51.03
C ARG A 18 19.67 -21.03 49.93
N GLY A 19 19.09 -19.85 50.08
CA GLY A 19 19.27 -18.78 49.11
C GLY A 19 20.39 -17.84 49.47
N ILE A 20 20.43 -16.70 48.78
CA ILE A 20 21.47 -15.73 48.98
C ILE A 20 20.89 -14.30 49.08
N ARG A 21 21.46 -13.51 49.97
CA ARG A 21 21.10 -12.13 50.09
C ARG A 21 21.88 -11.35 49.03
N LEU A 22 21.19 -10.77 48.05
CA LEU A 22 21.84 -9.96 47.01
C LEU A 22 21.69 -8.46 47.29
N LYS A 23 22.67 -7.68 46.86
CA LYS A 23 22.60 -6.22 46.96
C LYS A 23 21.96 -5.65 45.72
N ALA A 24 20.80 -5.00 45.89
CA ALA A 24 20.23 -4.17 44.83
C ALA A 24 20.50 -2.74 45.26
N PRO A 25 20.42 -1.76 44.34
CA PRO A 25 20.82 -0.40 44.70
C PRO A 25 20.07 0.20 45.89
N GLY A 26 18.79 -0.15 46.04
CA GLY A 26 17.95 0.43 47.10
C GLY A 26 17.96 -0.35 48.39
N GLY A 27 18.51 -1.57 48.36
CA GLY A 27 18.59 -2.42 49.54
C GLY A 27 18.73 -3.88 49.14
N PRO A 28 18.74 -4.80 50.13
CA PRO A 28 18.90 -6.24 49.83
C PRO A 28 17.68 -6.92 49.21
N VAL A 29 17.95 -7.98 48.46
CA VAL A 29 16.90 -8.87 47.98
C VAL A 29 17.26 -10.32 48.29
N SER A 30 16.27 -11.19 48.23
CA SER A 30 16.49 -12.62 48.41
C SER A 30 16.54 -13.29 47.05
N ALA A 31 17.55 -14.12 46.81
CA ALA A 31 17.62 -14.85 45.56
C ALA A 31 17.75 -16.33 45.83
N PHE A 32 16.99 -17.11 45.09
CA PHE A 32 17.05 -18.56 45.18
C PHE A 32 17.30 -19.06 43.76
N LEU A 33 18.56 -19.30 43.44
CA LEU A 33 19.01 -19.56 42.06
C LEU A 33 19.40 -21.04 41.86
N GLY A 34 19.05 -21.61 40.71
CA GLY A 34 19.40 -22.99 40.41
C GLY A 34 18.57 -24.05 41.11
N ILE A 35 17.28 -23.74 41.34
CA ILE A 35 16.34 -24.71 41.92
C ILE A 35 15.86 -25.68 40.86
N PRO A 36 16.15 -26.99 41.05
CA PRO A 36 15.74 -27.94 40.04
C PRO A 36 14.24 -28.11 40.08
N PHE A 37 13.60 -28.09 38.92
CA PHE A 37 12.15 -28.29 38.86
C PHE A 37 11.79 -29.55 38.05
N ALA A 38 12.81 -30.22 37.53
CA ALA A 38 12.63 -31.42 36.73
C ALA A 38 13.80 -32.37 36.93
N GLU A 39 13.57 -33.65 36.67
CA GLU A 39 14.66 -34.60 36.53
C GLU A 39 15.50 -34.18 35.34
N PRO A 40 16.84 -34.26 35.46
CA PRO A 40 17.67 -33.94 34.32
C PRO A 40 17.23 -34.66 33.06
N PRO A 41 16.92 -33.90 31.99
CA PRO A 41 16.42 -34.52 30.77
C PRO A 41 17.55 -35.05 29.89
N VAL A 42 18.23 -36.08 30.39
CA VAL A 42 19.51 -36.54 29.85
C VAL A 42 19.46 -38.04 29.52
N GLY A 43 20.36 -38.50 28.66
CA GLY A 43 20.46 -39.92 28.35
C GLY A 43 19.17 -40.30 27.66
N SER A 44 18.48 -41.30 28.21
CA SER A 44 17.21 -41.77 27.63
C SER A 44 16.07 -40.75 27.73
N ARG A 45 16.28 -39.69 28.50
CA ARG A 45 15.24 -38.68 28.67
C ARG A 45 15.31 -37.55 27.64
N ARG A 46 16.33 -37.59 26.79
CA ARG A 46 16.49 -36.55 25.77
C ARG A 46 15.32 -36.62 24.80
N PHE A 47 14.79 -35.45 24.42
CA PHE A 47 13.62 -35.29 23.54
C PHE A 47 12.28 -35.62 24.20
N MET A 48 12.31 -36.09 25.44
CA MET A 48 11.11 -36.50 26.16
C MET A 48 10.54 -35.41 27.04
N PRO A 49 9.22 -35.50 27.33
CA PRO A 49 8.65 -34.51 28.23
C PRO A 49 9.41 -34.56 29.55
N PRO A 50 9.45 -33.45 30.28
CA PRO A 50 10.16 -33.43 31.55
C PRO A 50 9.33 -34.16 32.61
N GLU A 51 10.04 -34.80 33.53
CA GLU A 51 9.40 -35.42 34.67
C GLU A 51 9.70 -34.57 35.87
N PRO A 52 8.72 -34.40 36.78
CA PRO A 52 9.00 -33.56 37.95
C PRO A 52 10.27 -33.98 38.72
N LYS A 53 10.95 -33.00 39.29
CA LYS A 53 12.13 -33.25 40.12
C LYS A 53 11.76 -34.11 41.32
N ARG A 54 12.52 -35.19 41.52
CA ARG A 54 12.37 -36.04 42.68
C ARG A 54 13.02 -35.36 43.86
N PRO A 55 12.39 -35.44 45.06
CA PRO A 55 12.93 -34.75 46.25
C PRO A 55 14.39 -35.09 46.57
N TRP A 56 15.11 -34.10 47.07
CA TRP A 56 16.49 -34.25 47.50
C TRP A 56 16.58 -34.27 49.01
N SER A 57 17.67 -34.81 49.54
CA SER A 57 17.92 -34.75 50.98
C SER A 57 18.86 -33.60 51.28
N GLY A 58 18.71 -33.05 52.48
CA GLY A 58 19.58 -31.98 52.94
C GLY A 58 19.16 -30.64 52.40
N VAL A 59 20.04 -29.67 52.56
CA VAL A 59 19.78 -28.32 52.12
C VAL A 59 20.46 -28.12 50.79
N LEU A 60 19.65 -27.87 49.76
CA LEU A 60 20.18 -27.60 48.44
C LEU A 60 20.68 -26.16 48.39
N ASP A 61 21.93 -25.98 47.96
CA ASP A 61 22.46 -24.64 47.79
C ASP A 61 21.84 -23.99 46.55
N ALA A 62 21.15 -22.87 46.78
CA ALA A 62 20.50 -22.11 45.72
C ALA A 62 21.08 -20.70 45.63
N THR A 63 22.42 -20.61 45.63
CA THR A 63 23.10 -19.31 45.68
C THR A 63 23.75 -18.90 44.35
N THR A 64 23.69 -19.79 43.36
CA THR A 64 24.32 -19.55 42.06
C THR A 64 23.42 -20.07 40.97
N PHE A 65 23.52 -19.46 39.80
CA PHE A 65 22.77 -19.91 38.65
C PHE A 65 23.22 -21.30 38.23
N GLN A 66 22.29 -22.09 37.70
CA GLN A 66 22.65 -23.41 37.23
C GLN A 66 23.04 -23.39 35.75
N ASN A 67 23.27 -24.58 35.20
CA ASN A 67 23.72 -24.76 33.82
C ASN A 67 22.74 -24.14 32.84
N VAL A 68 23.27 -23.67 31.72
CA VAL A 68 22.46 -23.17 30.62
C VAL A 68 22.14 -24.37 29.73
N CYS A 69 20.91 -24.42 29.21
CA CYS A 69 20.53 -25.52 28.33
C CYS A 69 21.41 -25.57 27.09
N TYR A 70 21.81 -26.79 26.69
CA TYR A 70 22.71 -26.93 25.56
C TYR A 70 22.24 -26.18 24.32
N GLN A 71 23.14 -25.36 23.77
CA GLN A 71 22.73 -24.45 22.71
C GLN A 71 23.85 -23.94 21.84
N TYR A 72 23.45 -23.55 20.63
CA TYR A 72 24.29 -22.81 19.69
C TYR A 72 24.66 -21.46 20.29
N VAL A 73 25.93 -21.08 20.10
CA VAL A 73 26.49 -19.83 20.59
C VAL A 73 26.87 -18.95 19.38
N ASP A 74 26.20 -17.81 19.25
CA ASP A 74 26.42 -16.90 18.13
C ASP A 74 27.85 -16.34 18.15
N THR A 75 28.58 -16.58 17.07
CA THR A 75 30.00 -16.18 16.94
C THR A 75 30.25 -15.18 15.81
N LEU A 76 29.25 -14.37 15.48
CA LEU A 76 29.36 -13.43 14.37
C LEU A 76 30.30 -12.26 14.66
N TYR A 77 30.06 -11.58 15.78
CA TYR A 77 30.95 -10.52 16.24
C TYR A 77 31.59 -10.90 17.58
N PRO A 78 32.72 -11.65 17.53
CA PRO A 78 33.36 -12.16 18.75
C PRO A 78 33.83 -11.04 19.69
N GLY A 79 33.33 -11.06 20.93
CA GLY A 79 33.75 -10.11 21.97
C GLY A 79 33.00 -8.79 21.95
N PHE A 80 32.07 -8.68 21.00
CA PHE A 80 31.21 -7.52 20.87
C PHE A 80 30.09 -7.62 21.89
N GLU A 81 29.96 -6.59 22.72
CA GLU A 81 28.97 -6.57 23.81
C GLU A 81 27.54 -6.79 23.33
N GLY A 82 27.21 -6.23 22.17
CA GLY A 82 25.90 -6.36 21.58
C GLY A 82 25.49 -7.79 21.29
N THR A 83 26.46 -8.66 20.97
CA THR A 83 26.17 -10.09 20.79
C THR A 83 26.44 -10.95 22.04
N GLU A 84 27.48 -10.61 22.79
CA GLU A 84 27.89 -11.40 23.94
C GLU A 84 26.90 -11.33 25.11
N MET A 85 26.14 -10.25 25.21
CA MET A 85 25.15 -10.08 26.27
C MET A 85 24.04 -11.14 26.25
N TRP A 86 23.90 -11.84 25.12
CA TRP A 86 22.89 -12.87 24.92
C TRP A 86 23.44 -14.31 25.03
N ASN A 87 24.76 -14.42 24.99
CA ASN A 87 25.43 -15.72 25.02
C ASN A 87 25.38 -16.36 26.41
N PRO A 88 25.45 -17.71 26.47
CA PRO A 88 25.44 -18.41 27.77
C PRO A 88 26.49 -17.87 28.74
N ASN A 89 26.09 -17.73 30.00
CA ASN A 89 27.02 -17.23 31.02
C ASN A 89 27.21 -18.27 32.09
N ARG A 90 26.81 -19.50 31.80
CA ARG A 90 27.10 -20.64 32.66
C ARG A 90 27.38 -21.82 31.76
N GLU A 91 27.88 -22.90 32.35
CA GLU A 91 28.22 -24.09 31.59
C GLU A 91 27.03 -24.59 30.79
N LEU A 92 27.29 -24.98 29.54
CA LEU A 92 26.24 -25.60 28.73
C LEU A 92 26.09 -27.05 29.12
N SER A 93 24.86 -27.44 29.44
CA SER A 93 24.59 -28.84 29.74
C SER A 93 23.15 -29.12 29.39
N GLU A 94 22.87 -30.39 29.09
CA GLU A 94 21.50 -30.91 28.99
C GLU A 94 20.83 -31.01 30.35
N ASP A 95 21.65 -31.11 31.40
CA ASP A 95 21.15 -31.00 32.76
C ASP A 95 21.03 -29.52 33.07
N CYS A 96 19.85 -28.97 32.80
CA CYS A 96 19.69 -27.51 32.77
C CYS A 96 18.32 -27.02 33.25
N LEU A 97 17.46 -27.93 33.70
CA LEU A 97 16.09 -27.57 34.06
C LEU A 97 16.01 -27.09 35.49
N TYR A 98 16.31 -25.82 35.66
CA TYR A 98 16.43 -25.17 36.95
C TYR A 98 15.74 -23.82 36.84
N LEU A 99 15.27 -23.30 37.96
CA LEU A 99 14.58 -22.00 37.94
C LEU A 99 15.13 -21.09 39.03
N ASN A 100 14.78 -19.82 38.95
CA ASN A 100 15.34 -18.80 39.83
C ASN A 100 14.22 -17.99 40.42
N VAL A 101 14.34 -17.64 41.69
CA VAL A 101 13.33 -16.84 42.38
C VAL A 101 14.01 -15.65 43.04
N TRP A 102 13.49 -14.44 42.79
CA TRP A 102 13.91 -13.26 43.54
C TRP A 102 12.71 -12.74 44.29
N THR A 103 12.93 -12.30 45.53
CA THR A 103 11.88 -11.77 46.36
C THR A 103 12.49 -10.63 47.17
N PRO A 104 11.64 -9.74 47.72
CA PRO A 104 12.09 -8.79 48.74
C PRO A 104 12.87 -9.48 49.87
N TYR A 105 13.67 -8.72 50.59
CA TYR A 105 14.38 -9.24 51.77
C TYR A 105 14.10 -8.30 52.91
N PRO A 106 13.54 -8.82 54.03
CA PRO A 106 13.08 -10.20 54.19
C PRO A 106 11.89 -10.50 53.28
N ARG A 107 11.55 -11.79 53.15
CA ARG A 107 10.47 -12.21 52.23
C ARG A 107 9.17 -11.52 52.58
N PRO A 108 8.29 -11.30 51.58
CA PRO A 108 7.05 -10.55 51.82
C PRO A 108 6.18 -11.15 52.93
N ALA A 109 5.56 -10.26 53.70
CA ALA A 109 4.70 -10.63 54.82
C ALA A 109 3.35 -11.22 54.37
N SER A 110 2.88 -10.78 53.21
CA SER A 110 1.58 -11.19 52.69
C SER A 110 1.73 -11.63 51.22
N PRO A 111 0.76 -12.42 50.70
CA PRO A 111 0.88 -12.96 49.35
C PRO A 111 1.13 -11.89 48.29
N THR A 112 2.21 -12.07 47.53
CA THR A 112 2.68 -11.06 46.59
C THR A 112 2.55 -11.53 45.14
N PRO A 113 1.98 -10.69 44.25
CA PRO A 113 1.91 -10.99 42.82
C PRO A 113 3.24 -11.49 42.22
N VAL A 114 3.16 -12.56 41.44
CA VAL A 114 4.33 -13.21 40.86
C VAL A 114 4.47 -12.86 39.37
N LEU A 115 5.68 -12.54 38.95
CA LEU A 115 6.03 -12.39 37.53
C LEU A 115 6.90 -13.54 37.12
N ILE A 116 6.49 -14.27 36.07
CA ILE A 116 7.33 -15.33 35.54
C ILE A 116 7.88 -14.93 34.17
N TRP A 117 9.21 -14.88 34.06
CA TRP A 117 9.88 -14.51 32.83
C TRP A 117 10.21 -15.74 31.99
N ILE A 118 9.85 -15.69 30.71
CA ILE A 118 10.32 -16.66 29.74
C ILE A 118 11.21 -15.97 28.71
N TYR A 119 12.50 -16.33 28.68
CA TYR A 119 13.43 -15.72 27.74
C TYR A 119 13.18 -16.09 26.28
N GLY A 120 13.70 -15.26 25.38
CA GLY A 120 13.70 -15.51 23.96
C GLY A 120 15.05 -16.04 23.49
N GLY A 121 15.28 -15.96 22.18
CA GLY A 121 16.48 -16.51 21.57
C GLY A 121 16.14 -17.55 20.51
N GLY A 122 15.03 -17.34 19.81
CA GLY A 122 14.66 -18.18 18.64
C GLY A 122 14.29 -19.62 18.88
N PHE A 123 14.01 -19.95 20.14
CA PHE A 123 13.85 -21.34 20.59
C PHE A 123 15.11 -22.19 20.41
N TYR A 124 16.24 -21.56 20.09
CA TYR A 124 17.51 -22.27 19.97
C TYR A 124 18.53 -21.74 21.01
N SER A 125 18.15 -20.71 21.76
CA SER A 125 19.10 -20.11 22.66
C SER A 125 18.43 -19.40 23.83
N GLY A 126 19.26 -18.93 24.74
CA GLY A 126 18.80 -18.17 25.91
C GLY A 126 19.02 -18.87 27.23
N ALA A 127 18.94 -18.09 28.30
CA ALA A 127 19.18 -18.55 29.66
C ALA A 127 18.48 -17.60 30.57
N ALA A 128 17.91 -18.10 31.66
CA ALA A 128 17.32 -17.23 32.66
C ALA A 128 18.37 -16.54 33.52
N SER A 129 19.65 -16.90 33.33
CA SER A 129 20.75 -16.38 34.14
C SER A 129 21.45 -15.13 33.59
N LEU A 130 21.02 -14.67 32.41
CA LEU A 130 21.66 -13.53 31.76
C LEU A 130 21.45 -12.28 32.60
N ASP A 131 22.41 -11.37 32.53
CA ASP A 131 22.33 -10.12 33.30
C ASP A 131 21.10 -9.28 33.04
N VAL A 132 20.62 -9.25 31.79
CA VAL A 132 19.42 -8.46 31.44
C VAL A 132 18.13 -9.02 32.02
N TYR A 133 18.18 -10.22 32.58
CA TYR A 133 16.99 -10.84 33.18
C TYR A 133 17.07 -10.85 34.69
N ASP A 134 17.95 -10.00 35.24
CA ASP A 134 18.21 -9.94 36.68
C ASP A 134 17.00 -9.36 37.41
N GLY A 135 16.32 -10.23 38.16
CA GLY A 135 15.09 -9.87 38.86
C GLY A 135 15.25 -9.07 40.14
N ARG A 136 16.46 -8.62 40.46
CA ARG A 136 16.70 -7.97 41.75
C ARG A 136 16.07 -6.57 41.86
N PHE A 137 16.02 -5.83 40.75
CA PHE A 137 15.47 -4.47 40.76
C PHE A 137 13.95 -4.49 40.89
N LEU A 138 13.30 -5.41 40.20
CA LEU A 138 11.85 -5.56 40.32
C LEU A 138 11.47 -6.01 41.72
N ALA A 139 12.18 -7.02 42.23
CA ALA A 139 12.06 -7.51 43.60
C ALA A 139 12.22 -6.35 44.59
N GLN A 140 13.33 -5.62 44.48
CA GLN A 140 13.62 -4.60 45.46
C GLN A 140 12.69 -3.41 45.30
N VAL A 141 12.52 -2.90 44.09
CA VAL A 141 11.84 -1.61 43.94
C VAL A 141 10.31 -1.77 43.98
N GLU A 142 9.80 -2.80 43.31
CA GLU A 142 8.36 -3.03 43.24
C GLU A 142 7.83 -4.09 44.20
N GLY A 143 8.73 -4.75 44.92
CA GLY A 143 8.34 -5.74 45.92
C GLY A 143 7.88 -7.03 45.25
N ALA A 144 8.22 -7.18 43.98
CA ALA A 144 7.77 -8.31 43.16
C ALA A 144 8.40 -9.61 43.58
N VAL A 145 7.63 -10.67 43.44
CA VAL A 145 8.24 -11.98 43.43
C VAL A 145 8.49 -12.30 41.96
N LEU A 146 9.75 -12.52 41.60
CA LEU A 146 10.09 -12.81 40.22
C LEU A 146 10.63 -14.23 40.04
N VAL A 147 10.10 -14.93 39.05
CA VAL A 147 10.56 -16.27 38.75
C VAL A 147 11.00 -16.33 37.30
N SER A 148 12.15 -16.95 37.04
CA SER A 148 12.52 -17.28 35.67
C SER A 148 12.99 -18.73 35.60
N MET A 149 12.61 -19.45 34.55
CA MET A 149 13.09 -20.82 34.37
C MET A 149 13.95 -20.98 33.13
N ASN A 150 14.84 -21.96 33.17
CA ASN A 150 15.48 -22.47 31.96
C ASN A 150 14.54 -23.49 31.35
N TYR A 151 14.53 -23.55 30.02
CA TYR A 151 13.78 -24.56 29.30
C TYR A 151 14.65 -25.00 28.15
N ARG A 152 14.45 -26.25 27.72
CA ARG A 152 15.23 -26.81 26.64
C ARG A 152 14.98 -26.09 25.31
N VAL A 153 16.08 -25.90 24.58
CA VAL A 153 16.06 -25.19 23.31
C VAL A 153 16.66 -26.04 22.21
N GLY A 154 16.49 -25.59 20.96
CA GLY A 154 17.00 -26.28 19.80
C GLY A 154 16.39 -27.65 19.67
N THR A 155 17.19 -28.58 19.19
CA THR A 155 16.75 -29.95 19.06
C THR A 155 16.26 -30.53 20.39
N PHE A 156 17.01 -30.30 21.47
CA PHE A 156 16.67 -30.86 22.80
C PHE A 156 15.29 -30.46 23.27
N GLY A 157 14.85 -29.28 22.86
CA GLY A 157 13.55 -28.78 23.30
C GLY A 157 12.46 -28.95 22.27
N PHE A 158 12.83 -29.00 20.99
CA PHE A 158 11.84 -28.87 19.93
C PHE A 158 11.89 -29.83 18.76
N LEU A 159 12.91 -30.67 18.72
CA LEU A 159 12.97 -31.65 17.66
C LEU A 159 11.80 -32.61 17.89
N ALA A 160 11.01 -32.81 16.85
CA ALA A 160 9.78 -33.61 16.95
C ALA A 160 9.69 -34.60 15.83
N LEU A 161 9.29 -35.83 16.15
CA LEU A 161 8.77 -36.77 15.16
C LEU A 161 7.31 -36.93 15.54
N PRO A 162 6.43 -36.05 15.01
CA PRO A 162 5.04 -35.98 15.45
C PRO A 162 4.27 -37.30 15.40
N GLY A 163 3.61 -37.61 16.51
CA GLY A 163 2.91 -38.87 16.67
C GLY A 163 3.75 -39.90 17.40
N SER A 164 5.06 -39.65 17.53
CA SER A 164 5.91 -40.59 18.26
C SER A 164 5.79 -40.41 19.76
N ARG A 165 6.14 -41.47 20.46
CA ARG A 165 6.16 -41.51 21.91
C ARG A 165 7.46 -40.87 22.40
N GLU A 166 8.54 -41.10 21.64
CA GLU A 166 9.90 -40.78 22.11
C GLU A 166 10.38 -39.38 21.78
N ALA A 167 9.73 -38.72 20.82
CA ALA A 167 10.03 -37.34 20.47
C ALA A 167 8.77 -36.62 20.00
N PRO A 168 7.82 -36.35 20.92
CA PRO A 168 6.50 -35.89 20.52
C PRO A 168 6.46 -34.39 20.16
N GLY A 169 7.57 -33.70 20.45
CA GLY A 169 7.70 -32.30 20.14
C GLY A 169 7.26 -31.43 21.29
N ASN A 170 7.63 -30.15 21.24
CA ASN A 170 7.12 -29.18 22.20
C ASN A 170 7.57 -29.34 23.67
N VAL A 171 8.55 -30.21 23.91
CA VAL A 171 8.98 -30.50 25.27
C VAL A 171 9.65 -29.29 25.97
N GLY A 172 10.24 -28.37 25.22
CA GLY A 172 10.71 -27.10 25.82
C GLY A 172 9.55 -26.27 26.41
N LEU A 173 8.41 -26.31 25.76
CA LEU A 173 7.18 -25.73 26.28
C LEU A 173 6.61 -26.51 27.48
N LEU A 174 6.82 -27.81 27.52
CA LEU A 174 6.37 -28.57 28.67
C LEU A 174 7.31 -28.26 29.85
N ASP A 175 8.59 -27.99 29.57
CA ASP A 175 9.54 -27.57 30.60
C ASP A 175 9.01 -26.31 31.24
N GLN A 176 8.58 -25.35 30.41
CA GLN A 176 8.06 -24.10 30.92
C GLN A 176 6.81 -24.34 31.75
N ARG A 177 5.96 -25.24 31.29
CA ARG A 177 4.68 -25.50 31.96
C ARG A 177 4.89 -26.11 33.35
N LEU A 178 5.83 -27.04 33.45
CA LEU A 178 6.27 -27.62 34.73
C LEU A 178 6.80 -26.59 35.73
N ALA A 179 7.59 -25.62 35.26
CA ALA A 179 7.98 -24.49 36.10
C ALA A 179 6.75 -23.73 36.56
N LEU A 180 5.74 -23.59 35.69
CA LEU A 180 4.53 -22.87 36.06
C LEU A 180 3.78 -23.68 37.12
N GLN A 181 3.85 -25.00 37.01
CA GLN A 181 3.23 -25.88 38.00
C GLN A 181 3.99 -25.82 39.33
N TRP A 182 5.33 -25.83 39.22
CA TRP A 182 6.19 -25.62 40.38
C TRP A 182 5.81 -24.33 41.13
N VAL A 183 5.64 -23.23 40.39
CA VAL A 183 5.28 -21.97 41.03
C VAL A 183 3.95 -22.10 41.78
N GLN A 184 2.99 -22.75 41.15
CA GLN A 184 1.68 -22.95 41.78
C GLN A 184 1.81 -23.65 43.12
N GLU A 185 2.67 -24.66 43.18
CA GLU A 185 2.78 -25.45 44.38
C GLU A 185 3.64 -24.81 45.45
N ASN A 186 4.69 -24.11 45.02
CA ASN A 186 5.81 -23.74 45.90
C ASN A 186 6.00 -22.26 46.17
N ILE A 187 5.48 -21.39 45.30
CA ILE A 187 5.76 -19.96 45.40
C ILE A 187 5.27 -19.32 46.71
N ALA A 188 4.25 -19.92 47.32
CA ALA A 188 3.75 -19.38 48.58
C ALA A 188 4.80 -19.47 49.70
N ALA A 189 5.75 -20.40 49.56
CA ALA A 189 6.83 -20.55 50.52
C ALA A 189 7.75 -19.32 50.56
N PHE A 190 7.77 -18.55 49.47
CA PHE A 190 8.61 -17.36 49.33
C PHE A 190 7.81 -16.09 49.56
N GLY A 191 6.52 -16.24 49.83
CA GLY A 191 5.66 -15.08 49.99
C GLY A 191 4.94 -14.72 48.70
N GLY A 192 5.11 -15.52 47.65
CA GLY A 192 4.41 -15.30 46.38
C GLY A 192 2.94 -15.76 46.42
N ASP A 193 2.10 -15.10 45.61
CA ASP A 193 0.68 -15.41 45.52
C ASP A 193 0.42 -16.30 44.29
N PRO A 194 0.16 -17.61 44.48
CA PRO A 194 -0.04 -18.42 43.27
C PRO A 194 -1.35 -18.05 42.53
N MET A 195 -2.22 -17.30 43.20
CA MET A 195 -3.46 -16.79 42.62
C MET A 195 -3.29 -15.48 41.85
N SER A 196 -2.06 -14.99 41.76
CA SER A 196 -1.76 -13.85 40.92
C SER A 196 -0.41 -14.05 40.26
N VAL A 197 -0.44 -14.68 39.09
CA VAL A 197 0.74 -15.01 38.32
C VAL A 197 0.62 -14.41 36.92
N THR A 198 1.61 -13.60 36.55
CA THR A 198 1.67 -12.95 35.24
C THR A 198 2.89 -13.51 34.51
N LEU A 199 2.66 -14.07 33.33
CA LEU A 199 3.78 -14.48 32.47
C LEU A 199 4.27 -13.29 31.67
N PHE A 200 5.57 -13.13 31.53
CA PHE A 200 6.09 -12.18 30.56
C PHE A 200 7.29 -12.73 29.86
N GLY A 201 7.43 -12.39 28.58
CA GLY A 201 8.59 -12.90 27.82
C GLY A 201 8.80 -12.05 26.61
N GLU A 202 9.97 -12.18 26.00
CA GLU A 202 10.29 -11.44 24.82
C GLU A 202 10.72 -12.38 23.70
N SER A 203 10.35 -12.00 22.45
CA SER A 203 10.75 -12.72 21.24
C SER A 203 10.19 -14.14 21.30
N ALA A 204 11.06 -15.15 21.30
CA ALA A 204 10.59 -16.54 21.45
C ALA A 204 9.90 -16.73 22.82
N GLY A 205 10.32 -15.95 23.83
CA GLY A 205 9.70 -16.01 25.15
C GLY A 205 8.26 -15.58 25.10
N ALA A 206 7.98 -14.54 24.32
CA ALA A 206 6.63 -13.98 24.16
C ALA A 206 5.79 -14.90 23.31
N ALA A 207 6.37 -15.47 22.25
CA ALA A 207 5.65 -16.55 21.53
C ALA A 207 5.23 -17.63 22.51
N SER A 208 6.18 -18.03 23.37
CA SER A 208 5.95 -19.06 24.42
C SER A 208 4.79 -18.66 25.33
N VAL A 209 4.78 -17.42 25.82
CA VAL A 209 3.65 -16.93 26.63
C VAL A 209 2.35 -17.14 25.88
N GLY A 210 2.33 -16.75 24.60
CA GLY A 210 1.09 -16.77 23.81
C GLY A 210 0.65 -18.20 23.62
N MET A 211 1.61 -19.11 23.53
CA MET A 211 1.26 -20.55 23.44
C MET A 211 0.67 -21.16 24.70
N HIS A 212 1.04 -20.60 25.87
CA HIS A 212 0.41 -20.99 27.11
C HIS A 212 -1.01 -20.47 27.21
N ILE A 213 -1.23 -19.25 26.70
CA ILE A 213 -2.59 -18.72 26.51
C ILE A 213 -3.46 -19.64 25.65
N LEU A 214 -2.87 -20.31 24.66
CA LEU A 214 -3.65 -21.05 23.67
C LEU A 214 -3.71 -22.53 23.99
N SER A 215 -3.07 -22.93 25.08
CA SER A 215 -3.02 -24.32 25.48
C SER A 215 -3.67 -24.52 26.83
N LEU A 216 -4.82 -25.17 26.82
CA LEU A 216 -5.69 -25.28 27.99
C LEU A 216 -5.01 -25.70 29.30
N PRO A 217 -4.22 -26.81 29.28
CA PRO A 217 -3.57 -27.19 30.54
C PRO A 217 -2.70 -26.12 31.18
N SER A 218 -2.34 -25.08 30.43
CA SER A 218 -1.49 -24.01 30.97
C SER A 218 -2.29 -22.91 31.63
N ARG A 219 -3.57 -22.79 31.23
CA ARG A 219 -4.38 -21.64 31.59
C ARG A 219 -4.75 -21.56 33.06
N SER A 220 -4.73 -22.71 33.74
CA SER A 220 -4.90 -22.77 35.18
C SER A 220 -3.67 -22.29 35.94
N LEU A 221 -2.58 -22.01 35.23
CA LEU A 221 -1.31 -21.76 35.91
C LEU A 221 -0.89 -20.29 35.90
N PHE A 222 -1.72 -19.43 35.33
CA PHE A 222 -1.45 -17.98 35.30
C PHE A 222 -2.73 -17.21 35.03
N HIS A 223 -2.68 -15.87 35.16
CA HIS A 223 -3.88 -15.05 35.17
C HIS A 223 -3.84 -13.90 34.15
N ARG A 224 -2.61 -13.46 33.86
CA ARG A 224 -2.37 -12.35 32.93
C ARG A 224 -1.09 -12.67 32.15
N ALA A 225 -0.91 -12.06 30.98
CA ALA A 225 0.29 -12.35 30.18
C ALA A 225 0.78 -11.09 29.50
N VAL A 226 2.09 -10.94 29.41
CA VAL A 226 2.73 -9.86 28.67
C VAL A 226 3.56 -10.42 27.51
N LEU A 227 3.25 -10.02 26.27
CA LEU A 227 4.03 -10.50 25.11
C LEU A 227 4.85 -9.38 24.50
N GLN A 228 6.16 -9.46 24.62
CA GLN A 228 7.07 -8.42 24.13
C GLN A 228 7.75 -8.87 22.84
N SER A 229 7.42 -8.21 21.73
CA SER A 229 8.05 -8.47 20.43
C SER A 229 7.99 -9.93 20.04
N GLY A 230 6.83 -10.56 20.24
CA GLY A 230 6.70 -11.96 19.88
C GLY A 230 5.29 -12.41 20.07
N THR A 231 4.92 -13.46 19.34
CA THR A 231 3.54 -13.91 19.25
C THR A 231 3.52 -15.38 18.89
N PRO A 232 2.47 -16.11 19.30
CA PRO A 232 2.40 -17.50 18.88
C PRO A 232 2.06 -17.60 17.37
N ASN A 233 1.22 -16.68 16.88
CA ASN A 233 0.92 -16.60 15.45
C ASN A 233 2.11 -15.97 14.69
N GLY A 234 2.08 -15.99 13.37
CA GLY A 234 3.19 -15.47 12.58
C GLY A 234 4.04 -16.55 11.94
N PRO A 235 5.04 -16.13 11.15
CA PRO A 235 5.77 -17.04 10.25
C PRO A 235 6.88 -17.92 10.86
N TRP A 236 7.29 -17.61 12.07
CA TRP A 236 8.50 -18.22 12.67
C TRP A 236 8.26 -19.06 13.93
N ALA A 237 7.17 -18.80 14.66
CA ALA A 237 6.98 -19.38 16.02
C ALA A 237 6.54 -20.84 16.08
N THR A 238 5.98 -21.36 14.99
CA THR A 238 5.61 -22.79 14.91
C THR A 238 5.94 -23.33 13.53
N VAL A 239 5.92 -24.67 13.41
CA VAL A 239 6.03 -25.37 12.15
C VAL A 239 4.93 -26.45 12.14
N SER A 240 4.45 -26.81 10.96
CA SER A 240 3.52 -27.93 10.83
C SER A 240 4.17 -29.22 11.32
N ALA A 241 3.36 -30.24 11.60
CA ALA A 241 3.88 -31.56 11.93
C ALA A 241 4.80 -32.06 10.82
N GLY A 242 4.37 -31.86 9.57
CA GLY A 242 5.08 -32.42 8.41
C GLY A 242 6.46 -31.80 8.27
N GLU A 243 6.54 -30.51 8.53
CA GLU A 243 7.78 -29.76 8.47
C GLU A 243 8.71 -30.09 9.64
N ALA A 244 8.16 -30.26 10.84
CA ALA A 244 8.95 -30.74 11.97
C ALA A 244 9.53 -32.15 11.68
N ARG A 245 8.72 -33.01 11.08
CA ARG A 245 9.16 -34.38 10.80
C ARG A 245 10.31 -34.35 9.79
N ARG A 246 10.11 -33.64 8.70
CA ARG A 246 11.12 -33.38 7.68
C ARG A 246 12.45 -32.85 8.26
N ARG A 247 12.38 -31.77 9.05
CA ARG A 247 13.58 -31.22 9.72
C ARG A 247 14.30 -32.18 10.66
N ALA A 248 13.55 -32.92 11.47
CA ALA A 248 14.12 -33.88 12.42
C ALA A 248 14.80 -35.03 11.70
N THR A 249 14.18 -35.49 10.62
CA THR A 249 14.72 -36.64 9.91
C THR A 249 15.91 -36.21 9.07
N LEU A 250 15.93 -34.97 8.58
CA LEU A 250 17.15 -34.42 7.96
C LEU A 250 18.24 -34.24 9.01
N LEU A 251 17.96 -33.56 10.13
CA LEU A 251 18.97 -33.44 11.18
C LEU A 251 19.55 -34.80 11.46
N ALA A 252 18.68 -35.80 11.65
CA ALA A 252 19.11 -37.17 11.89
C ALA A 252 20.11 -37.66 10.86
N ARG A 253 19.83 -37.46 9.57
CA ARG A 253 20.76 -37.92 8.52
C ARG A 253 22.12 -37.22 8.69
N LEU A 254 22.06 -35.90 8.87
CA LEU A 254 23.24 -35.02 9.00
C LEU A 254 24.17 -35.39 10.13
N VAL A 255 23.66 -36.16 11.11
CA VAL A 255 24.47 -36.68 12.22
C VAL A 255 24.60 -38.21 12.23
N GLY A 256 24.21 -38.86 11.13
CA GLY A 256 24.45 -40.30 10.99
C GLY A 256 23.38 -41.25 11.49
N CYS A 257 22.16 -40.73 11.68
CA CYS A 257 21.00 -41.50 12.10
C CYS A 257 19.93 -41.46 11.01
N ASN A 265 10.46 -46.11 10.91
CA ASN A 265 10.51 -46.37 12.35
C ASN A 265 11.18 -45.21 13.12
N ASP A 266 10.37 -44.46 13.86
CA ASP A 266 10.86 -43.34 14.65
C ASP A 266 11.67 -43.79 15.85
N THR A 267 11.35 -44.97 16.41
CA THR A 267 12.03 -45.48 17.59
C THR A 267 13.54 -45.63 17.37
N GLU A 268 13.91 -46.25 16.24
CA GLU A 268 15.31 -46.42 15.81
C GLU A 268 15.99 -45.08 15.56
N LEU A 269 15.35 -44.24 14.75
CA LEU A 269 15.85 -42.92 14.48
C LEU A 269 16.14 -42.17 15.79
N ILE A 270 15.15 -42.11 16.68
CA ILE A 270 15.27 -41.38 17.94
C ILE A 270 16.30 -42.03 18.86
N ALA A 271 16.27 -43.36 18.98
CA ALA A 271 17.27 -44.07 19.77
C ALA A 271 18.69 -43.70 19.33
N CYS A 272 18.89 -43.59 18.02
CA CYS A 272 20.19 -43.24 17.48
C CYS A 272 20.54 -41.78 17.81
N LEU A 273 19.59 -40.86 17.67
CA LEU A 273 19.82 -39.44 18.03
C LEU A 273 20.22 -39.26 19.50
N ARG A 274 19.73 -40.15 20.36
CA ARG A 274 20.01 -40.08 21.79
C ARG A 274 21.42 -40.54 22.11
N THR A 275 22.02 -41.31 21.21
CA THR A 275 23.41 -41.74 21.32
C THR A 275 24.39 -40.69 20.80
N ARG A 276 23.90 -39.59 20.24
CA ARG A 276 24.72 -38.54 19.66
C ARG A 276 25.15 -37.47 20.69
N PRO A 277 26.42 -37.03 20.64
CA PRO A 277 26.92 -35.96 21.48
C PRO A 277 26.06 -34.73 21.32
N ALA A 278 25.69 -34.10 22.42
CA ALA A 278 24.90 -32.87 22.37
C ALA A 278 25.47 -31.86 21.37
N GLN A 279 26.79 -31.74 21.30
CA GLN A 279 27.39 -30.73 20.42
C GLN A 279 27.19 -31.06 18.94
N ASP A 280 27.20 -32.34 18.58
CA ASP A 280 26.91 -32.75 17.21
C ASP A 280 25.54 -32.28 16.70
N LEU A 281 24.53 -32.32 17.56
CA LEU A 281 23.19 -31.86 17.21
C LEU A 281 23.19 -30.36 17.02
N VAL A 282 23.83 -29.65 17.95
CA VAL A 282 23.96 -28.21 17.88
C VAL A 282 24.69 -27.81 16.58
N ASP A 283 25.77 -28.54 16.26
CA ASP A 283 26.58 -28.23 15.07
C ASP A 283 25.81 -28.34 13.74
N HIS A 284 24.69 -29.07 13.74
CA HIS A 284 23.95 -29.30 12.50
C HIS A 284 22.56 -28.72 12.46
N GLU A 285 22.07 -28.21 13.58
CA GLU A 285 20.66 -27.84 13.67
C GLU A 285 20.25 -26.77 12.64
N TRP A 286 21.14 -25.81 12.40
CA TRP A 286 20.87 -24.67 11.54
C TRP A 286 20.80 -25.08 10.05
N HIS A 287 21.34 -26.25 9.73
CA HIS A 287 21.40 -26.79 8.37
C HIS A 287 20.08 -27.35 7.80
N VAL A 288 18.99 -27.30 8.56
CA VAL A 288 17.77 -27.99 8.13
C VAL A 288 16.68 -27.04 7.65
N LEU A 289 16.96 -25.74 7.69
CA LEU A 289 16.01 -24.73 7.24
C LEU A 289 15.77 -24.89 5.75
N PRO A 290 14.50 -24.79 5.31
CA PRO A 290 14.25 -25.12 3.89
C PRO A 290 14.75 -24.09 2.88
N GLN A 291 15.01 -22.86 3.34
CA GLN A 291 15.54 -21.79 2.48
C GLN A 291 16.55 -20.93 3.27
N GLU A 292 17.46 -20.27 2.55
CA GLU A 292 18.23 -19.14 3.07
C GLU A 292 17.24 -18.21 3.72
N SER A 293 17.39 -17.97 5.02
CA SER A 293 16.39 -17.20 5.78
C SER A 293 17.03 -16.26 6.77
N ILE A 294 16.25 -15.31 7.25
CA ILE A 294 16.49 -14.70 8.56
C ILE A 294 15.17 -14.70 9.31
N PHE A 295 15.26 -14.50 10.62
CA PHE A 295 14.13 -14.61 11.53
C PHE A 295 13.40 -15.94 11.30
N ARG A 296 14.16 -17.00 11.03
CA ARG A 296 13.59 -18.37 10.98
C ARG A 296 14.47 -19.30 11.79
N PHE A 297 13.86 -20.23 12.52
CA PHE A 297 14.61 -21.10 13.41
C PHE A 297 14.25 -22.57 13.20
N SER A 298 15.25 -23.45 13.30
CA SER A 298 15.09 -24.83 12.88
C SER A 298 14.12 -25.62 13.73
N PHE A 299 14.29 -25.55 15.04
CA PHE A 299 13.50 -26.33 15.96
C PHE A 299 12.68 -25.46 16.90
N VAL A 300 11.40 -25.40 16.59
CA VAL A 300 10.44 -24.52 17.28
C VAL A 300 9.20 -25.37 17.61
N PRO A 301 8.24 -24.81 18.39
CA PRO A 301 6.97 -25.50 18.65
C PRO A 301 6.32 -26.00 17.39
N VAL A 302 5.70 -27.16 17.50
CA VAL A 302 5.10 -27.83 16.39
C VAL A 302 3.58 -27.85 16.65
N VAL A 303 2.78 -27.64 15.60
CA VAL A 303 1.34 -27.84 15.72
C VAL A 303 1.12 -29.35 15.76
N ASP A 304 1.03 -29.88 16.98
CA ASP A 304 1.02 -31.32 17.25
C ASP A 304 -0.37 -31.93 17.40
N GLY A 305 -1.37 -31.06 17.53
CA GLY A 305 -2.74 -31.51 17.80
C GLY A 305 -2.89 -31.91 19.27
N ASP A 306 -1.95 -31.47 20.10
CA ASP A 306 -1.90 -31.79 21.53
C ASP A 306 -1.63 -30.47 22.32
N PHE A 307 -0.37 -30.14 22.57
CA PHE A 307 -0.06 -28.82 23.17
C PHE A 307 -0.81 -27.74 22.40
N LEU A 308 -0.65 -27.75 21.07
CA LEU A 308 -1.38 -26.87 20.19
C LEU A 308 -2.35 -27.70 19.39
N SER A 309 -3.64 -27.57 19.71
CA SER A 309 -4.69 -28.42 19.09
C SER A 309 -4.96 -28.06 17.63
N ASP A 310 -4.53 -26.87 17.24
CA ASP A 310 -4.67 -26.35 15.89
C ASP A 310 -3.61 -25.25 15.78
N THR A 311 -3.49 -24.64 14.61
CA THR A 311 -2.50 -23.58 14.39
C THR A 311 -2.80 -22.40 15.31
N PRO A 312 -1.76 -21.69 15.77
CA PRO A 312 -2.00 -20.44 16.51
C PRO A 312 -3.01 -19.49 15.84
N GLU A 313 -2.89 -19.33 14.51
CA GLU A 313 -3.81 -18.53 13.68
C GLU A 313 -5.27 -18.95 13.92
N ALA A 314 -5.53 -20.26 13.87
CA ALA A 314 -6.88 -20.76 14.00
C ALA A 314 -7.37 -20.61 15.43
N LEU A 315 -6.49 -20.83 16.39
CA LEU A 315 -6.83 -20.75 17.81
C LEU A 315 -7.12 -19.34 18.31
N ILE A 316 -6.34 -18.35 17.85
CA ILE A 316 -6.66 -16.95 18.16
C ILE A 316 -7.96 -16.46 17.48
N ASN A 317 -8.24 -16.97 16.28
CA ASN A 317 -9.43 -16.56 15.54
C ASN A 317 -10.75 -17.05 16.15
N THR A 318 -10.71 -18.22 16.78
CA THR A 318 -11.91 -18.86 17.30
C THR A 318 -11.96 -18.97 18.82
N GLY A 319 -10.91 -18.49 19.50
CA GLY A 319 -10.84 -18.60 20.94
C GLY A 319 -11.71 -17.60 21.69
N ASP A 320 -12.13 -18.01 22.90
CA ASP A 320 -12.82 -17.14 23.85
C ASP A 320 -11.75 -16.67 24.83
N PHE A 321 -11.52 -15.37 24.91
CA PHE A 321 -10.46 -14.82 25.76
C PHE A 321 -10.96 -13.87 26.84
N GLN A 322 -12.20 -14.08 27.27
CA GLN A 322 -12.89 -13.24 28.24
C GLN A 322 -12.14 -12.99 29.55
N ASP A 323 -11.61 -14.03 30.17
CA ASP A 323 -11.02 -13.83 31.51
C ASP A 323 -9.53 -13.50 31.45
N LEU A 324 -9.10 -12.79 30.42
CA LEU A 324 -7.66 -12.59 30.19
C LEU A 324 -7.35 -11.13 29.96
N GLN A 325 -6.29 -10.68 30.62
CA GLN A 325 -5.69 -9.37 30.36
C GLN A 325 -4.30 -9.59 29.79
N VAL A 326 -3.98 -8.87 28.72
CA VAL A 326 -2.73 -9.07 27.99
C VAL A 326 -2.09 -7.71 27.74
N LEU A 327 -0.78 -7.64 27.92
CA LEU A 327 -0.01 -6.49 27.53
C LEU A 327 0.91 -6.91 26.38
N VAL A 328 0.81 -6.24 25.24
CA VAL A 328 1.59 -6.62 24.06
C VAL A 328 2.28 -5.39 23.49
N GLY A 329 3.44 -5.57 22.87
CA GLY A 329 4.06 -4.44 22.22
C GLY A 329 5.25 -4.81 21.40
N VAL A 330 5.88 -3.77 20.84
CA VAL A 330 6.97 -3.92 19.88
C VAL A 330 7.99 -2.84 20.16
N VAL A 331 9.22 -2.99 19.66
CA VAL A 331 10.20 -1.86 19.70
C VAL A 331 10.16 -1.10 18.37
N LYS A 332 10.78 0.08 18.32
CA LYS A 332 10.78 0.90 17.13
C LYS A 332 11.34 0.18 15.89
N ASP A 333 12.35 -0.67 16.08
CA ASP A 333 13.05 -1.30 14.94
C ASP A 333 13.23 -2.82 15.08
N GLU A 334 12.13 -3.57 14.95
CA GLU A 334 12.15 -5.01 15.17
C GLU A 334 13.10 -5.74 14.21
N GLY A 335 13.17 -5.26 12.97
CA GLY A 335 13.88 -5.99 11.95
C GLY A 335 15.38 -5.83 11.86
N SER A 336 15.90 -4.70 12.34
CA SER A 336 17.29 -4.31 12.05
C SER A 336 18.36 -5.29 12.54
N TYR A 337 18.21 -5.77 13.78
CA TYR A 337 19.07 -6.82 14.37
C TYR A 337 19.32 -8.02 13.46
N PHE A 338 18.27 -8.45 12.78
CA PHE A 338 18.33 -9.65 11.96
C PHE A 338 19.03 -9.46 10.62
N LEU A 339 19.11 -8.21 10.17
CA LEU A 339 19.70 -7.90 8.88
C LEU A 339 21.19 -8.21 8.84
N VAL A 340 21.90 -7.88 9.92
CA VAL A 340 23.36 -8.04 9.99
C VAL A 340 23.81 -9.48 10.14
N TYR A 341 22.87 -10.41 10.22
CA TYR A 341 23.15 -11.83 10.43
C TYR A 341 22.86 -12.70 9.21
N GLY A 342 22.49 -12.10 8.08
CA GLY A 342 22.13 -12.94 6.95
C GLY A 342 21.82 -12.26 5.65
N VAL A 343 21.60 -10.95 5.69
CA VAL A 343 21.29 -10.19 4.47
C VAL A 343 22.55 -9.50 3.93
N PRO A 344 23.04 -9.93 2.75
CA PRO A 344 24.22 -9.29 2.20
C PRO A 344 24.06 -7.76 2.06
N GLY A 345 25.11 -7.02 2.42
CA GLY A 345 25.11 -5.58 2.33
C GLY A 345 24.89 -4.96 3.70
N PHE A 346 24.51 -5.78 4.67
CA PHE A 346 24.24 -5.31 6.03
C PHE A 346 25.34 -5.67 7.04
N SER A 347 25.71 -4.69 7.85
CA SER A 347 26.78 -4.81 8.82
C SER A 347 26.57 -3.84 9.96
N LYS A 348 26.96 -4.26 11.15
CA LYS A 348 27.00 -3.36 12.30
C LYS A 348 28.10 -2.32 12.19
N ASP A 349 29.09 -2.58 11.33
CA ASP A 349 30.30 -1.72 11.23
C ASP A 349 30.29 -0.65 10.14
N ASN A 350 29.19 -0.59 9.39
CA ASN A 350 29.02 0.48 8.42
C ASN A 350 27.54 0.90 8.37
N GLU A 351 27.25 1.91 7.56
CA GLU A 351 25.91 2.47 7.44
C GLU A 351 24.90 1.56 6.70
N SER A 352 25.39 0.46 6.14
CA SER A 352 24.56 -0.55 5.48
C SER A 352 23.61 0.03 4.41
N LEU A 353 24.09 1.05 3.69
CA LEU A 353 23.34 1.59 2.59
C LEU A 353 23.41 0.58 1.45
N ILE A 354 22.26 0.06 1.05
CA ILE A 354 22.21 -1.04 0.11
C ILE A 354 21.67 -0.58 -1.23
N SER A 355 21.94 -1.39 -2.25
CA SER A 355 21.43 -1.13 -3.60
C SER A 355 20.03 -1.73 -3.72
N ARG A 356 19.31 -1.30 -4.75
CA ARG A 356 18.03 -1.92 -5.11
C ARG A 356 18.16 -3.43 -5.31
N ALA A 357 19.23 -3.88 -5.98
CA ALA A 357 19.47 -5.34 -6.13
C ALA A 357 19.61 -6.07 -4.79
N GLN A 358 20.31 -5.44 -3.85
CA GLN A 358 20.44 -6.00 -2.51
C GLN A 358 19.14 -5.95 -1.71
N PHE A 359 18.30 -4.96 -1.99
CA PHE A 359 16.95 -4.95 -1.41
C PHE A 359 16.14 -6.17 -1.87
N LEU A 360 16.07 -6.43 -3.17
CA LEU A 360 15.27 -7.55 -3.69
C LEU A 360 15.77 -8.92 -3.22
N ALA A 361 17.09 -9.08 -3.11
CA ALA A 361 17.69 -10.32 -2.58
C ALA A 361 17.36 -10.48 -1.11
N GLY A 362 17.33 -9.36 -0.38
CA GLY A 362 17.02 -9.38 1.04
C GLY A 362 15.55 -9.71 1.33
N VAL A 363 14.65 -9.26 0.47
CA VAL A 363 13.25 -9.61 0.61
C VAL A 363 13.07 -11.14 0.49
N ARG A 364 13.79 -11.75 -0.44
CA ARG A 364 13.74 -13.20 -0.60
C ARG A 364 14.25 -13.95 0.65
N ILE A 365 15.24 -13.38 1.33
CA ILE A 365 15.81 -13.96 2.55
C ILE A 365 14.89 -13.69 3.73
N GLY A 366 14.38 -12.46 3.79
CA GLY A 366 13.48 -12.02 4.85
C GLY A 366 12.08 -12.58 4.77
N VAL A 367 11.63 -12.96 3.57
CA VAL A 367 10.33 -13.57 3.39
C VAL A 367 10.54 -14.86 2.61
N PRO A 368 11.21 -15.84 3.25
CA PRO A 368 11.69 -17.01 2.50
C PRO A 368 10.58 -17.94 1.96
N GLN A 369 9.37 -17.78 2.49
CA GLN A 369 8.24 -18.63 2.10
C GLN A 369 7.50 -18.06 0.90
N ALA A 370 7.87 -16.85 0.49
CA ALA A 370 7.16 -16.16 -0.60
C ALA A 370 7.44 -16.70 -2.00
N SER A 371 6.38 -16.86 -2.78
CA SER A 371 6.50 -17.01 -4.22
C SER A 371 7.13 -15.74 -4.80
N ASP A 372 7.39 -15.76 -6.10
CA ASP A 372 7.94 -14.60 -6.80
C ASP A 372 6.96 -13.45 -6.80
N LEU A 373 5.69 -13.73 -7.04
CA LEU A 373 4.67 -12.69 -7.06
C LEU A 373 4.53 -12.05 -5.68
N ALA A 374 4.52 -12.86 -4.63
CA ALA A 374 4.45 -12.38 -3.25
C ALA A 374 5.63 -11.48 -2.90
N ALA A 375 6.82 -11.90 -3.33
CA ALA A 375 8.03 -11.12 -3.11
C ALA A 375 7.98 -9.78 -3.84
N GLU A 376 7.51 -9.79 -5.09
CA GLU A 376 7.32 -8.54 -5.81
C GLU A 376 6.25 -7.65 -5.17
N ALA A 377 5.19 -8.24 -4.63
CA ALA A 377 4.21 -7.45 -3.87
C ALA A 377 4.87 -6.76 -2.68
N VAL A 378 5.79 -7.46 -2.00
CA VAL A 378 6.50 -6.92 -0.83
C VAL A 378 7.37 -5.75 -1.28
N VAL A 379 8.20 -5.99 -2.29
CA VAL A 379 9.06 -4.96 -2.91
C VAL A 379 8.25 -3.74 -3.39
N LEU A 380 7.15 -4.00 -4.07
CA LEU A 380 6.31 -2.92 -4.56
C LEU A 380 5.77 -2.06 -3.43
N HIS A 381 5.32 -2.72 -2.38
CA HIS A 381 4.75 -2.04 -1.24
C HIS A 381 5.77 -1.24 -0.45
N TYR A 382 6.96 -1.80 -0.31
CA TYR A 382 7.99 -1.19 0.53
C TYR A 382 8.90 -0.20 -0.20
N THR A 383 8.84 -0.17 -1.54
CA THR A 383 9.58 0.81 -2.33
C THR A 383 9.01 2.20 -2.18
N ASP A 384 9.90 3.18 -2.09
CA ASP A 384 9.50 4.56 -2.15
C ASP A 384 9.59 4.93 -3.63
N TRP A 385 8.45 5.11 -4.29
CA TRP A 385 8.46 5.23 -5.75
C TRP A 385 8.86 6.62 -6.24
N LEU A 386 9.08 7.53 -5.29
CA LEU A 386 9.75 8.79 -5.54
C LEU A 386 11.27 8.64 -5.54
N HIS A 387 11.77 7.66 -4.79
CA HIS A 387 13.21 7.46 -4.64
C HIS A 387 13.51 5.98 -4.62
N PRO A 388 13.19 5.27 -5.72
CA PRO A 388 13.21 3.82 -5.71
C PRO A 388 14.61 3.16 -5.54
N GLU A 389 15.66 3.94 -5.77
CA GLU A 389 17.04 3.45 -5.73
C GLU A 389 17.82 4.06 -4.57
N ASP A 390 17.14 4.84 -3.73
CA ASP A 390 17.81 5.50 -2.61
C ASP A 390 18.30 4.47 -1.57
N PRO A 391 19.64 4.36 -1.39
CA PRO A 391 20.22 3.38 -0.48
C PRO A 391 19.77 3.50 0.98
N THR A 392 19.54 4.72 1.46
CA THR A 392 19.09 4.90 2.83
C THR A 392 17.66 4.38 2.95
N HIS A 393 16.76 4.78 2.05
CA HIS A 393 15.41 4.26 2.12
C HIS A 393 15.38 2.74 1.99
N LEU A 394 16.17 2.16 1.09
CA LEU A 394 16.16 0.70 0.84
C LEU A 394 16.63 -0.08 2.06
N ARG A 395 17.66 0.43 2.71
CA ARG A 395 18.16 -0.14 3.95
C ARG A 395 17.07 -0.20 5.02
N ASP A 396 16.42 0.95 5.24
CA ASP A 396 15.39 1.10 6.26
C ASP A 396 14.13 0.32 5.92
N ALA A 397 13.80 0.26 4.63
CA ALA A 397 12.68 -0.59 4.17
C ALA A 397 12.95 -2.09 4.33
N MET A 398 14.21 -2.51 4.15
CA MET A 398 14.57 -3.90 4.40
C MET A 398 14.34 -4.26 5.88
N SER A 399 14.69 -3.32 6.75
CA SER A 399 14.51 -3.48 8.20
C SER A 399 13.02 -3.64 8.50
N ALA A 400 12.23 -2.65 8.06
CA ALA A 400 10.77 -2.66 8.16
C ALA A 400 10.11 -3.95 7.64
N VAL A 401 10.57 -4.45 6.48
CA VAL A 401 10.03 -5.68 5.92
C VAL A 401 10.10 -6.81 6.96
N VAL A 402 11.30 -7.00 7.51
CA VAL A 402 11.61 -8.05 8.48
C VAL A 402 10.88 -7.82 9.81
N GLY A 403 10.88 -6.57 10.28
CA GLY A 403 10.19 -6.23 11.51
C GLY A 403 8.69 -6.38 11.42
N ASP A 404 8.09 -5.85 10.34
CA ASP A 404 6.65 -5.93 10.11
C ASP A 404 6.19 -7.38 9.91
N HIS A 405 6.88 -8.11 9.07
CA HIS A 405 6.50 -9.48 8.75
C HIS A 405 6.56 -10.35 10.00
N ASN A 406 7.64 -10.24 10.78
CA ASN A 406 7.86 -11.23 11.84
C ASN A 406 7.31 -10.82 13.19
N VAL A 407 7.15 -9.52 13.40
CA VAL A 407 6.77 -9.03 14.72
C VAL A 407 5.61 -8.08 14.69
N VAL A 408 5.78 -6.90 14.06
CA VAL A 408 4.76 -5.85 14.21
C VAL A 408 3.36 -6.29 13.76
N CYS A 409 3.28 -6.97 12.62
CA CYS A 409 1.97 -7.36 12.07
C CYS A 409 1.39 -8.60 12.75
N PRO A 410 2.21 -9.63 13.04
CA PRO A 410 1.72 -10.63 13.98
C PRO A 410 1.21 -10.08 15.31
N VAL A 411 1.90 -9.07 15.88
CA VAL A 411 1.43 -8.43 17.10
C VAL A 411 0.10 -7.72 16.85
N ALA A 412 0.02 -6.95 15.77
CA ALA A 412 -1.22 -6.27 15.39
C ALA A 412 -2.36 -7.30 15.27
N GLN A 413 -2.09 -8.40 14.57
CA GLN A 413 -3.07 -9.47 14.39
C GLN A 413 -3.55 -10.06 15.74
N LEU A 414 -2.61 -10.39 16.61
CA LEU A 414 -2.91 -10.93 17.94
C LEU A 414 -3.74 -9.97 18.79
N ALA A 415 -3.33 -8.71 18.88
CA ALA A 415 -4.06 -7.72 19.68
C ALA A 415 -5.49 -7.56 19.18
N GLY A 416 -5.65 -7.58 17.86
CA GLY A 416 -6.96 -7.45 17.25
C GLY A 416 -7.87 -8.62 17.57
N ARG A 417 -7.37 -9.83 17.35
CA ARG A 417 -8.16 -11.05 17.58
C ARG A 417 -8.55 -11.17 19.05
N LEU A 418 -7.59 -10.90 19.93
CA LEU A 418 -7.76 -11.01 21.37
C LEU A 418 -8.78 -10.01 21.90
N ALA A 419 -8.68 -8.76 21.45
CA ALA A 419 -9.62 -7.72 21.84
C ALA A 419 -11.05 -7.94 21.29
N ALA A 420 -11.14 -8.49 20.07
CA ALA A 420 -12.43 -8.79 19.46
C ALA A 420 -13.14 -9.88 20.23
N GLN A 421 -12.36 -10.68 20.93
CA GLN A 421 -12.86 -11.88 21.58
C GLN A 421 -12.83 -11.85 23.12
N GLY A 422 -12.85 -10.65 23.69
CA GLY A 422 -13.12 -10.45 25.11
C GLY A 422 -11.95 -10.20 26.04
N ALA A 423 -10.72 -10.34 25.55
CA ALA A 423 -9.55 -10.03 26.36
C ALA A 423 -9.44 -8.53 26.56
N ARG A 424 -8.92 -8.11 27.70
CA ARG A 424 -8.48 -6.74 27.89
C ARG A 424 -7.04 -6.64 27.40
N VAL A 425 -6.79 -5.82 26.38
CA VAL A 425 -5.47 -5.71 25.74
C VAL A 425 -4.87 -4.32 25.92
N TYR A 426 -3.59 -4.26 26.26
CA TYR A 426 -2.86 -2.97 26.27
C TYR A 426 -1.69 -3.08 25.32
N ALA A 427 -1.51 -2.07 24.46
CA ALA A 427 -0.48 -2.14 23.42
C ALA A 427 0.54 -1.02 23.53
N TYR A 428 1.81 -1.31 23.22
CA TYR A 428 2.83 -0.27 23.27
C TYR A 428 3.77 -0.33 22.06
N ILE A 429 4.39 0.82 21.76
CA ILE A 429 5.62 0.81 20.98
C ILE A 429 6.76 1.35 21.85
N PHE A 430 7.84 0.58 21.96
CA PHE A 430 8.99 1.04 22.74
C PHE A 430 9.99 1.71 21.80
N GLU A 431 10.27 2.98 22.06
CA GLU A 431 10.99 3.85 21.12
C GLU A 431 12.26 4.51 21.68
N HIS A 432 12.71 4.10 22.86
CA HIS A 432 13.92 4.68 23.41
C HIS A 432 15.15 3.82 23.14
N ARG A 433 16.16 4.46 22.59
CA ARG A 433 17.42 3.79 22.33
C ARG A 433 18.36 4.05 23.53
N ALA A 434 18.76 2.97 24.20
CA ALA A 434 19.67 3.05 25.34
C ALA A 434 20.90 3.83 24.93
N SER A 435 21.24 4.85 25.72
CA SER A 435 22.45 5.64 25.54
C SER A 435 23.70 4.78 25.58
N THR A 436 23.57 3.57 26.12
CA THR A 436 24.68 2.65 26.27
C THR A 436 24.78 1.64 25.13
N LEU A 437 23.93 1.78 24.11
CA LEU A 437 23.79 0.76 23.05
C LEU A 437 25.03 0.69 22.16
N THR A 438 25.50 -0.54 21.86
CA THR A 438 26.76 -0.70 21.11
C THR A 438 26.53 -0.90 19.61
N TRP A 439 25.28 -1.16 19.22
CA TRP A 439 24.92 -1.26 17.80
C TRP A 439 24.92 0.13 17.18
N PRO A 440 25.14 0.22 15.84
CA PRO A 440 25.16 1.51 15.14
C PRO A 440 23.81 2.20 15.19
N LEU A 441 23.80 3.51 14.94
CA LEU A 441 22.56 4.28 15.01
C LEU A 441 21.49 3.80 14.04
N TRP A 442 21.90 3.41 12.84
CA TRP A 442 20.93 3.02 11.81
C TRP A 442 19.99 1.89 12.27
N MET A 443 20.44 1.05 13.21
CA MET A 443 19.67 -0.11 13.67
C MET A 443 18.51 0.31 14.57
N GLY A 444 18.53 1.57 14.98
CA GLY A 444 17.47 2.13 15.76
C GLY A 444 17.36 1.60 17.17
N VAL A 445 16.16 1.15 17.54
CA VAL A 445 15.90 0.51 18.84
C VAL A 445 15.66 -0.91 18.42
N PRO A 446 16.71 -1.75 18.46
CA PRO A 446 16.57 -3.11 17.96
C PRO A 446 15.80 -4.07 18.87
N HIS A 447 15.39 -5.20 18.26
CA HIS A 447 14.75 -6.29 18.93
C HIS A 447 15.54 -6.61 20.21
N GLY A 448 14.84 -6.61 21.35
CA GLY A 448 15.43 -7.08 22.60
C GLY A 448 15.95 -6.01 23.51
N TYR A 449 16.05 -4.79 23.00
CA TYR A 449 16.71 -3.69 23.73
C TYR A 449 15.78 -2.85 24.59
N GLU A 450 14.57 -3.38 24.79
CA GLU A 450 13.68 -2.84 25.82
C GLU A 450 13.82 -3.61 27.13
N ILE A 451 14.29 -4.85 27.06
CA ILE A 451 14.27 -5.76 28.20
C ILE A 451 15.01 -5.16 29.40
N GLU A 452 16.24 -4.67 29.15
CA GLU A 452 17.09 -4.10 30.21
C GLU A 452 16.40 -2.97 30.98
N PHE A 453 15.47 -2.26 30.34
CA PHE A 453 14.70 -1.19 31.00
C PHE A 453 13.51 -1.69 31.84
N ILE A 454 12.82 -2.70 31.35
CA ILE A 454 11.72 -3.36 32.05
C ILE A 454 12.24 -4.05 33.31
N PHE A 455 13.42 -4.65 33.22
CA PHE A 455 14.05 -5.28 34.37
C PHE A 455 14.73 -4.32 35.35
N GLY A 456 14.88 -3.06 34.94
CA GLY A 456 15.38 -2.04 35.83
C GLY A 456 16.88 -1.88 35.94
N LEU A 457 17.63 -2.40 34.98
CA LEU A 457 19.10 -2.22 35.00
C LEU A 457 19.60 -0.78 35.10
N PRO A 458 18.95 0.19 34.42
CA PRO A 458 19.43 1.59 34.60
C PRO A 458 19.50 2.06 36.05
N LEU A 459 18.84 1.34 36.96
CA LEU A 459 18.88 1.65 38.40
C LEU A 459 20.23 1.33 39.03
N ASP A 460 21.00 0.45 38.40
CA ASP A 460 22.34 0.10 38.86
C ASP A 460 23.31 1.24 38.47
N PRO A 461 23.83 1.98 39.46
CA PRO A 461 24.67 3.15 39.11
C PRO A 461 25.93 2.76 38.33
N SER A 462 26.37 1.52 38.45
CA SER A 462 27.60 1.07 37.82
C SER A 462 27.47 0.82 36.31
N LEU A 463 26.25 0.90 35.78
CA LEU A 463 26.00 0.61 34.37
C LEU A 463 26.02 1.83 33.43
N ASN A 464 26.08 3.04 33.98
CA ASN A 464 26.29 4.24 33.16
C ASN A 464 25.10 4.67 32.29
N TYR A 465 23.89 4.27 32.65
CA TYR A 465 22.70 4.86 32.03
C TYR A 465 22.54 6.29 32.56
N THR A 466 21.75 7.11 31.87
CA THR A 466 21.54 8.49 32.31
C THR A 466 20.48 8.53 33.41
N THR A 467 20.34 9.69 34.03
CA THR A 467 19.33 9.92 35.07
C THR A 467 17.91 9.77 34.54
N GLU A 468 17.67 10.24 33.31
CA GLU A 468 16.37 10.11 32.66
C GLU A 468 16.03 8.67 32.36
N GLU A 469 17.04 7.89 31.98
CA GLU A 469 16.91 6.46 31.75
C GLU A 469 16.62 5.68 33.02
N ARG A 470 17.13 6.16 34.16
CA ARG A 470 16.82 5.61 35.48
C ARG A 470 15.33 5.79 35.80
N ILE A 471 14.86 7.02 35.62
CA ILE A 471 13.46 7.40 35.84
C ILE A 471 12.52 6.71 34.85
N PHE A 472 12.96 6.61 33.60
CA PHE A 472 12.23 5.90 32.57
C PHE A 472 12.05 4.46 32.98
N ALA A 473 13.13 3.80 33.36
CA ALA A 473 13.09 2.39 33.80
C ALA A 473 12.12 2.16 34.97
N GLN A 474 12.11 3.09 35.92
CA GLN A 474 11.19 3.10 37.05
C GLN A 474 9.73 3.18 36.60
N ARG A 475 9.42 4.10 35.67
CA ARG A 475 8.11 4.16 35.01
C ARG A 475 7.71 2.79 34.43
N LEU A 476 8.58 2.21 33.62
CA LEU A 476 8.29 0.92 32.97
C LEU A 476 8.07 -0.18 33.97
N MET A 477 8.88 -0.19 35.03
CA MET A 477 8.70 -1.17 36.09
C MET A 477 7.35 -1.02 36.74
N LYS A 478 6.93 0.21 36.96
CA LYS A 478 5.59 0.47 37.47
C LYS A 478 4.49 -0.04 36.55
N TYR A 479 4.54 0.28 35.26
CA TYR A 479 3.52 -0.20 34.31
C TYR A 479 3.38 -1.70 34.39
N TRP A 480 4.53 -2.37 34.33
CA TRP A 480 4.60 -3.82 34.24
C TRP A 480 4.10 -4.49 35.53
N THR A 481 4.56 -4.02 36.68
CA THR A 481 4.09 -4.53 37.97
C THR A 481 2.67 -4.10 38.29
N ASN A 482 2.27 -2.90 37.90
CA ASN A 482 0.85 -2.51 38.03
C ASN A 482 -0.08 -3.44 37.25
N PHE A 483 0.35 -3.81 36.04
CA PHE A 483 -0.36 -4.76 35.19
C PHE A 483 -0.45 -6.17 35.80
N ALA A 484 0.70 -6.67 36.29
CA ALA A 484 0.75 -7.93 37.03
C ALA A 484 -0.23 -7.94 38.20
N ARG A 485 -0.27 -6.83 38.94
CA ARG A 485 -1.08 -6.70 40.14
C ARG A 485 -2.58 -6.63 39.83
N THR A 486 -2.95 -5.92 38.77
CA THR A 486 -4.34 -5.54 38.52
C THR A 486 -4.88 -5.84 37.11
N GLY A 487 -4.01 -6.23 36.17
CA GLY A 487 -4.39 -6.32 34.76
C GLY A 487 -4.61 -4.94 34.14
N ASP A 488 -4.02 -3.92 34.76
CA ASP A 488 -4.13 -2.53 34.31
C ASP A 488 -2.80 -1.82 34.63
N PRO A 489 -2.07 -1.34 33.59
CA PRO A 489 -0.74 -0.79 33.86
C PRO A 489 -0.76 0.63 34.42
N ASN A 490 -1.93 1.24 34.50
CA ASN A 490 -2.10 2.60 34.99
C ASN A 490 -2.06 2.67 36.51
N ASP A 491 -1.49 3.75 37.03
CA ASP A 491 -1.47 3.97 38.47
C ASP A 491 -2.89 4.29 38.95
N PRO A 492 -3.41 3.51 39.90
CA PRO A 492 -4.75 3.77 40.44
C PRO A 492 -4.78 5.11 41.17
N ARG A 493 -3.63 5.48 41.75
CA ARG A 493 -3.49 6.70 42.54
C ARG A 493 -3.34 7.91 41.63
N ASP A 494 -2.50 7.76 40.61
CA ASP A 494 -1.99 8.85 39.79
C ASP A 494 -2.91 9.26 38.63
N SER A 495 -3.91 10.09 38.92
CA SER A 495 -4.79 10.59 37.87
C SER A 495 -4.12 11.67 36.97
N LYS A 496 -3.09 12.34 37.51
CA LYS A 496 -2.35 13.40 36.80
C LYS A 496 -1.56 12.94 35.54
N SER A 497 -0.85 11.81 35.66
CA SER A 497 -0.13 11.18 34.53
C SER A 497 -1.07 10.82 33.38
N PRO A 498 -0.55 10.85 32.13
CA PRO A 498 -1.41 10.44 31.01
C PRO A 498 -1.77 8.96 31.11
N GLN A 499 -3.01 8.62 30.74
CA GLN A 499 -3.55 7.27 30.89
C GLN A 499 -3.29 6.40 29.65
N TRP A 500 -3.13 5.11 29.90
CA TRP A 500 -2.86 4.13 28.88
C TRP A 500 -4.19 3.44 28.58
N PRO A 501 -4.80 3.75 27.41
CA PRO A 501 -6.11 3.16 27.15
C PRO A 501 -5.96 1.73 26.65
N PRO A 502 -6.95 0.86 26.92
CA PRO A 502 -6.90 -0.47 26.32
C PRO A 502 -6.94 -0.39 24.78
N TYR A 503 -6.29 -1.36 24.14
CA TYR A 503 -6.36 -1.51 22.70
C TYR A 503 -7.69 -2.15 22.35
N THR A 504 -8.44 -1.50 21.44
CA THR A 504 -9.69 -2.04 20.92
C THR A 504 -9.65 -2.12 19.40
N THR A 505 -10.51 -2.96 18.83
CA THR A 505 -10.61 -3.03 17.37
C THR A 505 -11.18 -1.74 16.78
N ALA A 506 -12.04 -1.05 17.52
CA ALA A 506 -12.62 0.20 17.05
C ALA A 506 -11.61 1.36 17.01
N ALA A 507 -10.91 1.61 18.12
CA ALA A 507 -10.01 2.76 18.20
C ALA A 507 -8.55 2.40 17.95
N GLN A 508 -8.18 1.15 18.19
CA GLN A 508 -6.83 0.67 17.90
C GLN A 508 -5.72 1.50 18.60
N GLN A 509 -5.94 1.85 19.86
CA GLN A 509 -5.03 2.72 20.59
C GLN A 509 -3.91 1.98 21.28
N TYR A 510 -2.73 2.60 21.23
CA TYR A 510 -1.56 2.08 21.89
C TYR A 510 -0.74 3.29 22.34
N VAL A 511 0.23 3.09 23.23
CA VAL A 511 1.01 4.22 23.72
C VAL A 511 2.47 4.09 23.30
N SER A 512 3.14 5.23 23.17
CA SER A 512 4.59 5.27 22.98
C SER A 512 5.32 5.18 24.32
N LEU A 513 6.25 4.22 24.42
CA LEU A 513 7.13 4.17 25.59
C LEU A 513 8.49 4.77 25.22
N ASN A 514 8.76 5.96 25.74
CA ASN A 514 10.02 6.69 25.52
C ASN A 514 10.23 7.66 26.70
N LEU A 515 11.23 8.55 26.62
CA LEU A 515 11.56 9.43 27.76
C LEU A 515 10.50 10.49 28.06
N LYS A 516 9.65 10.75 27.07
CA LYS A 516 8.55 11.69 27.21
C LYS A 516 7.37 10.97 27.85
N PRO A 517 6.40 11.73 28.41
CA PRO A 517 5.23 11.08 29.01
C PRO A 517 4.41 10.30 27.97
N LEU A 518 3.60 9.34 28.44
CA LEU A 518 2.79 8.50 27.54
C LEU A 518 2.02 9.30 26.49
N GLU A 519 2.24 8.98 25.24
CA GLU A 519 1.47 9.52 24.14
C GLU A 519 0.64 8.42 23.48
N VAL A 520 -0.65 8.68 23.30
CA VAL A 520 -1.56 7.71 22.70
C VAL A 520 -1.57 7.88 21.19
N ARG A 521 -1.37 6.76 20.49
CA ARG A 521 -1.37 6.72 19.04
C ARG A 521 -2.45 5.74 18.58
N ARG A 522 -2.83 5.81 17.31
CA ARG A 522 -3.87 4.93 16.80
C ARG A 522 -3.40 4.06 15.63
N GLY A 523 -3.76 2.79 15.65
CA GLY A 523 -3.45 1.88 14.55
C GLY A 523 -2.00 1.48 14.52
N LEU A 524 -1.75 0.19 14.69
CA LEU A 524 -0.40 -0.32 14.73
C LEU A 524 -0.02 -0.74 13.32
N ARG A 525 0.64 0.16 12.59
CA ARG A 525 0.92 -0.02 11.16
C ARG A 525 -0.28 -0.60 10.44
N ALA A 526 -1.43 0.05 10.65
CA ALA A 526 -2.71 -0.45 10.17
C ALA A 526 -2.71 -0.73 8.67
N GLN A 527 -2.18 0.20 7.88
CA GLN A 527 -2.21 0.08 6.43
C GLN A 527 -1.31 -1.04 5.91
N THR A 528 -0.07 -1.06 6.38
CA THR A 528 0.91 -2.09 5.99
C THR A 528 0.59 -3.48 6.56
N CYS A 529 0.07 -3.53 7.78
CA CYS A 529 -0.32 -4.80 8.35
C CYS A 529 -1.53 -5.44 7.68
N ALA A 530 -2.39 -4.65 7.05
CA ALA A 530 -3.41 -5.22 6.15
C ALA A 530 -2.78 -5.97 4.97
N PHE A 531 -1.71 -5.41 4.41
CA PHE A 531 -0.95 -6.13 3.41
C PHE A 531 -0.55 -7.52 3.92
N TRP A 532 0.19 -7.56 5.03
CA TRP A 532 0.74 -8.81 5.56
C TRP A 532 -0.32 -9.77 6.09
N ASN A 533 -1.34 -9.23 6.76
CA ASN A 533 -2.32 -10.05 7.50
C ASN A 533 -3.57 -10.44 6.70
N ARG A 534 -3.95 -9.62 5.74
CA ARG A 534 -5.14 -9.88 4.94
C ARG A 534 -4.85 -10.25 3.49
N PHE A 535 -3.86 -9.61 2.87
CA PHE A 535 -3.64 -9.80 1.45
C PHE A 535 -2.61 -10.90 1.16
N LEU A 536 -1.46 -10.86 1.83
CA LEU A 536 -0.40 -11.83 1.56
C LEU A 536 -0.91 -13.29 1.66
N PRO A 537 -1.69 -13.63 2.72
CA PRO A 537 -2.27 -14.97 2.77
C PRO A 537 -3.01 -15.35 1.48
N LYS A 538 -3.94 -14.52 1.03
CA LYS A 538 -4.66 -14.74 -0.24
C LYS A 538 -3.76 -14.88 -1.47
N LEU A 539 -2.66 -14.11 -1.50
CA LEU A 539 -1.71 -14.19 -2.59
C LEU A 539 -0.86 -15.46 -2.55
N LEU A 540 -0.58 -15.98 -1.35
CA LEU A 540 0.16 -17.26 -1.17
C LEU A 540 -0.57 -18.41 -1.89
N SER A 541 -1.86 -18.54 -1.60
CA SER A 541 -2.71 -19.58 -2.16
C SER A 541 -3.29 -19.11 -3.51
N ALA A 542 -2.40 -18.98 -4.48
CA ALA A 542 -2.74 -18.54 -5.84
C ALA A 542 -1.49 -18.62 -6.71
N GLU B 4 -20.43 44.09 -46.37
CA GLU B 4 -19.49 42.92 -46.43
C GLU B 4 -18.14 43.27 -45.75
N ASP B 5 -17.92 42.69 -44.57
CA ASP B 5 -16.70 42.94 -43.79
C ASP B 5 -15.53 42.10 -44.34
N PRO B 6 -14.49 42.76 -44.91
CA PRO B 6 -13.36 42.07 -45.56
C PRO B 6 -12.56 41.19 -44.59
N GLN B 7 -12.66 41.48 -43.30
CA GLN B 7 -12.06 40.67 -42.25
C GLN B 7 -12.73 39.30 -42.13
N LEU B 8 -13.98 39.23 -42.54
CA LEU B 8 -14.79 38.02 -42.40
C LEU B 8 -14.84 37.21 -43.69
N LEU B 9 -14.10 37.65 -44.71
CA LEU B 9 -14.00 36.92 -45.96
C LEU B 9 -12.65 36.24 -46.12
N VAL B 10 -12.69 34.92 -46.22
CA VAL B 10 -11.50 34.10 -46.34
C VAL B 10 -11.63 33.13 -47.53
N ARG B 11 -10.55 33.00 -48.29
CA ARG B 11 -10.45 32.00 -49.34
C ARG B 11 -9.57 30.85 -48.86
N VAL B 12 -10.13 29.64 -48.86
CA VAL B 12 -9.41 28.44 -48.50
C VAL B 12 -9.29 27.59 -49.76
N ARG B 13 -8.63 26.45 -49.71
CA ARG B 13 -8.43 25.64 -50.91
C ARG B 13 -9.75 25.21 -51.57
N GLY B 14 -10.79 25.04 -50.76
CA GLY B 14 -12.11 24.62 -51.25
C GLY B 14 -12.97 25.73 -51.81
N GLY B 15 -12.59 26.96 -51.51
CA GLY B 15 -13.34 28.12 -51.98
C GLY B 15 -13.45 29.20 -50.93
N GLN B 16 -14.43 30.09 -51.10
CA GLN B 16 -14.61 31.21 -50.21
C GLN B 16 -15.54 30.94 -49.03
N LEU B 17 -15.23 31.59 -47.91
CA LEU B 17 -15.99 31.44 -46.66
C LEU B 17 -16.34 32.82 -46.14
N ARG B 18 -17.50 32.93 -45.49
CA ARG B 18 -17.83 34.17 -44.77
C ARG B 18 -18.04 33.84 -43.31
N GLY B 19 -17.25 34.47 -42.45
CA GLY B 19 -17.36 34.25 -41.02
C GLY B 19 -18.22 35.33 -40.36
N ILE B 20 -18.13 35.41 -39.05
CA ILE B 20 -18.95 36.33 -38.27
C ILE B 20 -18.08 37.03 -37.21
N ARG B 21 -18.37 38.31 -36.97
CA ARG B 21 -17.68 39.10 -35.97
C ARG B 21 -18.43 38.81 -34.69
N LEU B 22 -17.77 38.12 -33.76
CA LEU B 22 -18.35 37.84 -32.46
C LEU B 22 -17.77 38.82 -31.45
N LYS B 23 -18.48 38.99 -30.34
CA LYS B 23 -18.02 39.89 -29.28
C LYS B 23 -17.45 39.07 -28.12
N ALA B 24 -16.20 39.36 -27.78
CA ALA B 24 -15.61 38.90 -26.53
C ALA B 24 -15.55 40.12 -25.60
N PRO B 25 -15.44 39.91 -24.28
CA PRO B 25 -15.47 41.06 -23.35
C PRO B 25 -14.38 42.09 -23.67
N GLY B 26 -13.24 41.61 -24.18
CA GLY B 26 -12.13 42.49 -24.54
C GLY B 26 -12.37 43.27 -25.81
N GLY B 27 -13.13 42.69 -26.73
CA GLY B 27 -13.38 43.26 -28.04
C GLY B 27 -13.81 42.21 -29.04
N PRO B 28 -13.79 42.53 -30.34
CA PRO B 28 -14.25 41.59 -31.36
C PRO B 28 -13.29 40.45 -31.63
N VAL B 29 -13.85 39.35 -32.14
CA VAL B 29 -13.09 38.24 -32.73
C VAL B 29 -13.78 37.79 -34.03
N SER B 30 -13.01 37.20 -34.93
CA SER B 30 -13.54 36.60 -36.14
C SER B 30 -13.82 35.13 -35.90
N ALA B 31 -15.07 34.70 -36.06
CA ALA B 31 -15.39 33.28 -36.02
C ALA B 31 -15.85 32.75 -37.38
N PHE B 32 -15.29 31.61 -37.76
CA PHE B 32 -15.62 30.93 -39.00
C PHE B 32 -16.04 29.54 -38.57
N LEU B 33 -17.35 29.33 -38.48
CA LEU B 33 -17.93 28.14 -37.86
C LEU B 33 -18.64 27.31 -38.90
N GLY B 34 -18.55 26.00 -38.78
CA GLY B 34 -19.28 25.13 -39.69
C GLY B 34 -18.61 24.98 -41.04
N ILE B 35 -17.29 24.90 -41.05
CA ILE B 35 -16.51 24.74 -42.28
C ILE B 35 -16.36 23.24 -42.56
N PRO B 36 -16.81 22.79 -43.74
CA PRO B 36 -16.73 21.36 -44.09
C PRO B 36 -15.30 20.96 -44.40
N PHE B 37 -14.78 19.99 -43.67
CA PHE B 37 -13.43 19.52 -43.93
C PHE B 37 -13.46 18.17 -44.61
N ALA B 38 -14.66 17.61 -44.74
CA ALA B 38 -14.81 16.30 -45.37
C ALA B 38 -16.13 16.14 -46.13
N GLU B 39 -16.18 15.18 -47.04
CA GLU B 39 -17.45 14.74 -47.62
C GLU B 39 -18.31 14.13 -46.53
N PRO B 40 -19.60 14.52 -46.47
CA PRO B 40 -20.50 13.95 -45.46
C PRO B 40 -20.42 12.43 -45.47
N PRO B 41 -20.13 11.83 -44.30
CA PRO B 41 -19.92 10.40 -44.18
C PRO B 41 -21.25 9.64 -44.06
N VAL B 42 -22.10 9.83 -45.07
CA VAL B 42 -23.46 9.28 -45.08
C VAL B 42 -23.64 8.19 -46.13
N GLY B 43 -24.65 7.34 -45.94
CA GLY B 43 -24.95 6.28 -46.89
C GLY B 43 -23.88 5.20 -46.87
N SER B 44 -23.27 4.97 -48.03
CA SER B 44 -22.22 3.96 -48.17
C SER B 44 -20.93 4.41 -47.50
N ARG B 45 -20.88 5.69 -47.13
CA ARG B 45 -19.70 6.26 -46.48
C ARG B 45 -19.70 6.04 -44.96
N ARG B 46 -20.81 5.53 -44.43
CA ARG B 46 -20.91 5.23 -43.01
C ARG B 46 -19.88 4.14 -42.66
N PHE B 47 -19.15 4.38 -41.56
CA PHE B 47 -18.06 3.50 -41.09
C PHE B 47 -16.78 3.59 -41.92
N MET B 48 -16.77 4.38 -42.98
CA MET B 48 -15.61 4.48 -43.86
C MET B 48 -14.73 5.67 -43.50
N PRO B 49 -13.44 5.61 -43.83
CA PRO B 49 -12.57 6.78 -43.65
C PRO B 49 -13.16 8.00 -44.35
N PRO B 50 -12.88 9.21 -43.83
CA PRO B 50 -13.42 10.41 -44.44
C PRO B 50 -12.67 10.73 -45.73
N GLU B 51 -13.33 11.38 -46.67
CA GLU B 51 -12.68 11.86 -47.87
C GLU B 51 -12.68 13.38 -47.81
N PRO B 52 -11.67 14.02 -48.42
CA PRO B 52 -11.60 15.49 -48.43
C PRO B 52 -12.85 16.13 -49.06
N LYS B 53 -13.26 17.25 -48.50
CA LYS B 53 -14.41 17.99 -48.98
C LYS B 53 -14.12 18.56 -50.37
N ARG B 54 -15.03 18.29 -51.30
CA ARG B 54 -14.96 18.79 -52.66
C ARG B 54 -15.11 20.31 -52.65
N PRO B 55 -14.43 21.01 -53.57
CA PRO B 55 -14.55 22.48 -53.66
C PRO B 55 -16.00 22.94 -53.86
N TRP B 56 -16.29 24.17 -53.46
CA TRP B 56 -17.65 24.73 -53.58
C TRP B 56 -17.63 26.06 -54.32
N SER B 57 -18.79 26.45 -54.85
CA SER B 57 -18.97 27.71 -55.57
C SER B 57 -19.39 28.84 -54.63
N GLY B 58 -19.26 30.09 -55.09
CA GLY B 58 -19.67 31.23 -54.27
C GLY B 58 -19.01 31.30 -52.91
N VAL B 59 -19.75 31.85 -51.95
CA VAL B 59 -19.25 32.10 -50.59
C VAL B 59 -19.99 31.17 -49.64
N LEU B 60 -19.25 30.25 -49.01
CA LEU B 60 -19.86 29.33 -48.05
C LEU B 60 -20.10 30.06 -46.74
N ASP B 61 -21.32 30.01 -46.23
CA ASP B 61 -21.68 30.66 -44.98
C ASP B 61 -21.05 29.92 -43.79
N ALA B 62 -20.11 30.58 -43.10
CA ALA B 62 -19.47 29.99 -41.92
C ALA B 62 -19.73 30.85 -40.67
N THR B 63 -20.99 31.22 -40.48
CA THR B 63 -21.39 32.09 -39.37
C THR B 63 -22.06 31.33 -38.23
N THR B 64 -22.20 30.00 -38.39
CA THR B 64 -22.99 29.21 -37.46
C THR B 64 -22.40 27.79 -37.26
N PHE B 65 -22.52 27.25 -36.05
CA PHE B 65 -22.06 25.89 -35.79
C PHE B 65 -22.88 24.92 -36.63
N GLN B 66 -22.23 23.91 -37.16
CA GLN B 66 -22.92 22.88 -37.89
C GLN B 66 -23.49 21.82 -36.96
N ASN B 67 -24.07 20.77 -37.54
CA ASN B 67 -24.73 19.72 -36.80
C ASN B 67 -23.75 18.92 -35.97
N VAL B 68 -24.28 18.28 -34.91
CA VAL B 68 -23.50 17.46 -33.99
C VAL B 68 -23.49 16.05 -34.54
N CYS B 69 -22.32 15.40 -34.55
CA CYS B 69 -22.25 14.01 -34.98
C CYS B 69 -23.25 13.16 -34.22
N TYR B 70 -23.85 12.19 -34.92
CA TYR B 70 -24.91 11.40 -34.33
C TYR B 70 -24.41 10.61 -33.13
N GLN B 71 -25.15 10.74 -32.02
CA GLN B 71 -24.71 10.23 -30.74
C GLN B 71 -25.84 10.02 -29.73
N TYR B 72 -25.54 9.16 -28.77
CA TYR B 72 -26.31 9.01 -27.54
C TYR B 72 -26.42 10.34 -26.79
N VAL B 73 -27.65 10.66 -26.37
CA VAL B 73 -27.92 11.84 -25.57
C VAL B 73 -28.22 11.35 -24.15
N ASP B 74 -27.55 11.95 -23.16
CA ASP B 74 -27.72 11.53 -21.78
C ASP B 74 -29.05 11.93 -21.17
N THR B 75 -29.63 11.02 -20.40
CA THR B 75 -30.94 11.23 -19.81
C THR B 75 -31.00 11.04 -18.30
N LEU B 76 -29.84 10.87 -17.66
CA LEU B 76 -29.77 10.54 -16.23
C LEU B 76 -30.47 11.57 -15.33
N TYR B 77 -30.10 12.84 -15.47
CA TYR B 77 -30.77 13.92 -14.77
C TYR B 77 -31.25 14.95 -15.79
N PRO B 78 -32.49 14.76 -16.32
CA PRO B 78 -32.98 15.60 -17.42
C PRO B 78 -33.17 17.06 -17.01
N GLY B 79 -32.55 17.97 -17.75
CA GLY B 79 -32.68 19.41 -17.48
C GLY B 79 -31.78 19.94 -16.36
N PHE B 80 -30.90 19.08 -15.86
CA PHE B 80 -29.89 19.43 -14.87
C PHE B 80 -28.66 19.95 -15.61
N GLU B 81 -28.22 21.17 -15.30
CA GLU B 81 -27.16 21.85 -16.07
C GLU B 81 -25.85 21.06 -16.10
N GLY B 82 -25.54 20.38 -14.99
CA GLY B 82 -24.33 19.57 -14.88
C GLY B 82 -24.20 18.42 -15.86
N THR B 83 -25.32 17.86 -16.30
CA THR B 83 -25.28 16.81 -17.33
C THR B 83 -25.60 17.37 -18.71
N GLU B 84 -26.47 18.38 -18.74
CA GLU B 84 -26.95 18.94 -20.00
C GLU B 84 -25.89 19.74 -20.73
N MET B 85 -24.93 20.31 -20.00
CA MET B 85 -23.86 21.12 -20.61
C MET B 85 -22.98 20.30 -21.56
N TRP B 86 -23.10 18.98 -21.48
CA TRP B 86 -22.34 18.08 -22.32
C TRP B 86 -23.16 17.60 -23.49
N ASN B 87 -24.49 17.75 -23.39
CA ASN B 87 -25.41 17.25 -24.41
C ASN B 87 -25.36 18.08 -25.71
N PRO B 88 -25.68 17.44 -26.86
CA PRO B 88 -25.63 18.17 -28.14
C PRO B 88 -26.43 19.46 -28.09
N ASN B 89 -25.83 20.56 -28.57
CA ASN B 89 -26.54 21.84 -28.57
C ASN B 89 -26.92 22.31 -29.97
N ARG B 90 -26.73 21.42 -30.94
CA ARG B 90 -27.20 21.58 -32.32
C ARG B 90 -27.82 20.26 -32.73
N GLU B 91 -28.54 20.25 -33.85
CA GLU B 91 -29.21 19.04 -34.35
C GLU B 91 -28.24 17.90 -34.60
N LEU B 92 -28.69 16.68 -34.34
CA LEU B 92 -27.87 15.50 -34.57
C LEU B 92 -27.89 15.18 -36.05
N SER B 93 -26.73 14.85 -36.61
CA SER B 93 -26.69 14.35 -37.98
C SER B 93 -25.41 13.56 -38.21
N GLU B 94 -25.46 12.57 -39.09
CA GLU B 94 -24.23 11.91 -39.54
C GLU B 94 -23.41 12.83 -40.44
N ASP B 95 -24.09 13.78 -41.07
CA ASP B 95 -23.46 14.83 -41.81
C ASP B 95 -22.97 15.86 -40.79
N CYS B 96 -21.77 15.67 -40.28
CA CYS B 96 -21.28 16.44 -39.15
C CYS B 96 -19.80 16.76 -39.23
N LEU B 97 -19.16 16.49 -40.37
CA LEU B 97 -17.72 16.62 -40.44
C LEU B 97 -17.37 18.08 -40.79
N TYR B 98 -17.45 18.93 -39.77
CA TYR B 98 -17.20 20.37 -39.89
C TYR B 98 -16.28 20.84 -38.77
N LEU B 99 -15.62 21.98 -38.98
CA LEU B 99 -14.68 22.50 -38.02
C LEU B 99 -14.85 24.01 -37.89
N ASN B 100 -14.35 24.55 -36.79
CA ASN B 100 -14.57 25.93 -36.39
C ASN B 100 -13.22 26.57 -36.17
N VAL B 101 -13.10 27.85 -36.54
CA VAL B 101 -11.87 28.62 -36.41
C VAL B 101 -12.21 29.98 -35.79
N TRP B 102 -11.61 30.29 -34.64
CA TRP B 102 -11.65 31.66 -34.13
C TRP B 102 -10.30 32.28 -34.32
N THR B 103 -10.29 33.58 -34.66
CA THR B 103 -9.07 34.35 -34.78
C THR B 103 -9.28 35.73 -34.16
N PRO B 104 -8.17 36.41 -33.81
CA PRO B 104 -8.25 37.82 -33.45
C PRO B 104 -8.94 38.66 -34.54
N TYR B 105 -9.53 39.79 -34.14
CA TYR B 105 -10.10 40.77 -35.07
C TYR B 105 -9.41 42.13 -34.87
N PRO B 106 -8.75 42.66 -35.92
CA PRO B 106 -8.58 42.08 -37.25
C PRO B 106 -7.71 40.83 -37.18
N ARG B 107 -7.74 40.01 -38.24
CA ARG B 107 -6.96 38.78 -38.23
C ARG B 107 -5.46 39.08 -38.08
N PRO B 108 -4.71 38.15 -37.45
CA PRO B 108 -3.32 38.41 -37.05
C PRO B 108 -2.45 38.99 -38.16
N ALA B 109 -1.60 39.95 -37.80
CA ALA B 109 -0.68 40.58 -38.75
C ALA B 109 0.45 39.65 -39.19
N SER B 110 0.82 38.71 -38.32
CA SER B 110 1.88 37.73 -38.57
C SER B 110 1.40 36.33 -38.15
N PRO B 111 2.01 35.26 -38.71
CA PRO B 111 1.59 33.89 -38.39
C PRO B 111 1.51 33.59 -36.89
N THR B 112 0.31 33.18 -36.45
CA THR B 112 0.00 32.98 -35.03
C THR B 112 -0.10 31.49 -34.68
N PRO B 113 0.52 31.08 -33.54
CA PRO B 113 0.38 29.68 -33.09
C PRO B 113 -1.07 29.22 -33.07
N VAL B 114 -1.30 27.98 -33.48
CA VAL B 114 -2.63 27.43 -33.55
C VAL B 114 -2.84 26.43 -32.43
N LEU B 115 -3.96 26.55 -31.73
CA LEU B 115 -4.43 25.52 -30.80
C LEU B 115 -5.60 24.80 -31.42
N ILE B 116 -5.51 23.48 -31.46
CA ILE B 116 -6.58 22.66 -31.98
C ILE B 116 -7.19 21.84 -30.86
N TRP B 117 -8.45 22.15 -30.53
CA TRP B 117 -9.22 21.45 -29.53
C TRP B 117 -9.89 20.17 -30.07
N ILE B 118 -9.62 19.03 -29.40
CA ILE B 118 -10.32 17.77 -29.63
C ILE B 118 -11.18 17.41 -28.40
N TYR B 119 -12.50 17.52 -28.51
CA TYR B 119 -13.43 17.21 -27.40
C TYR B 119 -13.40 15.78 -26.95
N GLY B 120 -13.79 15.56 -25.69
CA GLY B 120 -14.06 14.22 -25.16
C GLY B 120 -15.54 13.88 -25.15
N GLY B 121 -15.89 12.90 -24.33
CA GLY B 121 -17.24 12.31 -24.33
C GLY B 121 -17.20 10.79 -24.53
N GLY B 122 -16.12 10.15 -24.06
CA GLY B 122 -15.94 8.70 -24.10
C GLY B 122 -15.94 8.05 -25.47
N PHE B 123 -15.64 8.83 -26.50
CA PHE B 123 -15.70 8.37 -27.89
C PHE B 123 -17.14 8.07 -28.37
N TYR B 124 -18.16 8.38 -27.57
CA TYR B 124 -19.57 8.08 -27.92
C TYR B 124 -20.37 9.36 -27.99
N SER B 125 -19.75 10.50 -27.65
CA SER B 125 -20.46 11.75 -27.57
C SER B 125 -19.53 12.94 -27.67
N GLY B 126 -20.10 14.13 -27.67
CA GLY B 126 -19.32 15.36 -27.72
C GLY B 126 -19.55 16.15 -29.00
N ALA B 127 -19.20 17.43 -28.95
CA ALA B 127 -19.33 18.34 -30.07
C ALA B 127 -18.45 19.54 -29.83
N ALA B 128 -17.98 20.16 -30.91
CA ALA B 128 -17.06 21.29 -30.80
C ALA B 128 -17.85 22.58 -30.58
N SER B 129 -19.17 22.47 -30.57
CA SER B 129 -20.07 23.60 -30.45
C SER B 129 -20.56 23.87 -29.03
N LEU B 130 -20.22 22.98 -28.09
CA LEU B 130 -20.61 23.14 -26.68
C LEU B 130 -20.04 24.46 -26.18
N ASP B 131 -20.78 25.16 -25.33
CA ASP B 131 -20.38 26.48 -24.80
C ASP B 131 -19.01 26.49 -24.08
N VAL B 132 -18.63 25.39 -23.44
CA VAL B 132 -17.34 25.34 -22.70
C VAL B 132 -16.11 25.32 -23.61
N TYR B 133 -16.32 25.03 -24.91
CA TYR B 133 -15.24 24.98 -25.89
C TYR B 133 -15.18 26.24 -26.74
N ASP B 134 -15.84 27.30 -26.28
CA ASP B 134 -15.94 28.53 -27.03
C ASP B 134 -14.56 29.19 -27.13
N GLY B 135 -14.04 29.31 -28.36
CA GLY B 135 -12.67 29.81 -28.57
C GLY B 135 -12.44 31.31 -28.61
N ARG B 136 -13.47 32.09 -28.35
CA ARG B 136 -13.37 33.54 -28.53
C ARG B 136 -12.47 34.17 -27.49
N PHE B 137 -12.47 33.63 -26.28
CA PHE B 137 -11.77 34.27 -25.17
C PHE B 137 -10.27 34.16 -25.40
N LEU B 138 -9.85 32.96 -25.79
CA LEU B 138 -8.45 32.69 -26.11
C LEU B 138 -7.96 33.47 -27.30
N ALA B 139 -8.83 33.64 -28.30
CA ALA B 139 -8.54 34.44 -29.48
C ALA B 139 -8.46 35.93 -29.12
N GLN B 140 -9.41 36.44 -28.35
CA GLN B 140 -9.40 37.86 -28.00
C GLN B 140 -8.25 38.19 -27.05
N VAL B 141 -8.19 37.51 -25.91
CA VAL B 141 -7.20 37.78 -24.87
C VAL B 141 -5.76 37.37 -25.22
N GLU B 142 -5.59 36.16 -25.73
CA GLU B 142 -4.25 35.62 -26.00
C GLU B 142 -3.79 35.73 -27.46
N GLY B 143 -4.68 36.22 -28.34
CA GLY B 143 -4.36 36.39 -29.75
C GLY B 143 -4.23 35.07 -30.49
N ALA B 144 -4.74 33.99 -29.90
CA ALA B 144 -4.61 32.65 -30.47
C ALA B 144 -5.51 32.41 -31.69
N VAL B 145 -5.05 31.54 -32.58
CA VAL B 145 -5.93 30.98 -33.59
C VAL B 145 -6.41 29.67 -33.00
N LEU B 146 -7.70 29.58 -32.73
CA LEU B 146 -8.22 28.36 -32.14
C LEU B 146 -9.06 27.57 -33.14
N VAL B 147 -8.80 26.27 -33.25
CA VAL B 147 -9.54 25.40 -34.16
C VAL B 147 -10.20 24.26 -33.37
N SER B 148 -11.44 23.92 -33.70
CA SER B 148 -12.05 22.69 -33.18
C SER B 148 -12.83 22.00 -34.28
N MET B 149 -12.84 20.67 -34.27
CA MET B 149 -13.55 19.90 -35.30
C MET B 149 -14.57 18.96 -34.66
N ASN B 150 -15.56 18.55 -35.46
CA ASN B 150 -16.40 17.43 -35.12
C ASN B 150 -15.74 16.17 -35.71
N TYR B 151 -15.86 15.08 -34.99
CA TYR B 151 -15.38 13.82 -35.51
C TYR B 151 -16.41 12.79 -35.10
N ARG B 152 -16.57 11.77 -35.93
CA ARG B 152 -17.57 10.77 -35.67
C ARG B 152 -17.31 10.02 -34.37
N VAL B 153 -18.37 9.74 -33.64
CA VAL B 153 -18.29 9.11 -32.32
C VAL B 153 -19.17 7.86 -32.39
N GLY B 154 -19.09 7.00 -31.36
CA GLY B 154 -19.96 5.83 -31.25
C GLY B 154 -19.68 4.84 -32.37
N THR B 155 -20.68 4.05 -32.76
CA THR B 155 -20.55 3.14 -33.89
C THR B 155 -20.07 3.86 -35.17
N PHE B 156 -20.51 5.09 -35.36
CA PHE B 156 -20.23 5.84 -36.59
C PHE B 156 -18.77 6.18 -36.74
N GLY B 157 -18.14 6.54 -35.63
CA GLY B 157 -16.71 6.83 -35.61
C GLY B 157 -15.83 5.62 -35.35
N PHE B 158 -16.34 4.60 -34.68
CA PHE B 158 -15.47 3.58 -34.12
C PHE B 158 -15.83 2.11 -34.24
N LEU B 159 -17.00 1.81 -34.82
CA LEU B 159 -17.34 0.41 -35.11
C LEU B 159 -16.32 -0.13 -36.11
N ALA B 160 -15.78 -1.29 -35.81
CA ALA B 160 -14.67 -1.82 -36.56
C ALA B 160 -14.91 -3.28 -36.80
N LEU B 161 -14.68 -3.69 -38.03
CA LEU B 161 -14.48 -5.09 -38.32
C LEU B 161 -13.08 -5.16 -38.86
N PRO B 162 -12.09 -5.32 -37.95
CA PRO B 162 -10.69 -5.12 -38.30
C PRO B 162 -10.33 -6.07 -39.42
N GLY B 163 -9.62 -5.56 -40.42
CA GLY B 163 -9.29 -6.38 -41.60
C GLY B 163 -10.23 -6.12 -42.77
N SER B 164 -11.45 -5.68 -42.50
CA SER B 164 -12.42 -5.38 -43.57
C SER B 164 -12.04 -4.09 -44.27
N ARG B 165 -12.52 -3.92 -45.50
CA ARG B 165 -12.30 -2.69 -46.27
C ARG B 165 -13.29 -1.61 -45.85
N GLU B 166 -14.49 -2.03 -45.48
CA GLU B 166 -15.59 -1.07 -45.30
C GLU B 166 -15.91 -0.65 -43.86
N ALA B 167 -15.34 -1.36 -42.88
CA ALA B 167 -15.36 -0.94 -41.47
C ALA B 167 -13.99 -1.15 -40.83
N PRO B 168 -12.96 -0.41 -41.29
CA PRO B 168 -11.57 -0.61 -40.87
C PRO B 168 -11.28 -0.21 -39.41
N GLY B 169 -12.22 0.49 -38.80
CA GLY B 169 -12.04 1.05 -37.47
C GLY B 169 -11.25 2.34 -37.48
N ASN B 170 -11.26 3.02 -36.35
CA ASN B 170 -10.53 4.29 -36.16
C ASN B 170 -10.89 5.49 -37.03
N VAL B 171 -12.05 5.46 -37.69
CA VAL B 171 -12.42 6.56 -38.63
C VAL B 171 -12.70 7.92 -37.97
N GLY B 172 -13.21 7.94 -36.74
CA GLY B 172 -13.28 9.18 -35.96
C GLY B 172 -11.91 9.81 -35.71
N LEU B 173 -10.88 8.99 -35.60
CA LEU B 173 -9.51 9.51 -35.48
C LEU B 173 -9.01 10.02 -36.82
N LEU B 174 -9.37 9.31 -37.90
CA LEU B 174 -9.08 9.75 -39.26
C LEU B 174 -9.78 11.06 -39.58
N ASP B 175 -11.00 11.23 -39.06
CA ASP B 175 -11.69 12.51 -39.16
C ASP B 175 -10.86 13.61 -38.51
N GLN B 176 -10.39 13.39 -37.28
CA GLN B 176 -9.53 14.35 -36.59
C GLN B 176 -8.31 14.66 -37.42
N ARG B 177 -7.66 13.62 -37.94
CA ARG B 177 -6.45 13.79 -38.73
C ARG B 177 -6.70 14.64 -39.99
N LEU B 178 -7.80 14.37 -40.68
CA LEU B 178 -8.19 15.13 -41.86
C LEU B 178 -8.34 16.62 -41.52
N ALA B 179 -8.98 16.93 -40.39
CA ALA B 179 -9.06 18.32 -39.88
C ALA B 179 -7.67 18.89 -39.60
N LEU B 180 -6.76 18.05 -39.13
CA LEU B 180 -5.38 18.47 -38.90
C LEU B 180 -4.65 18.79 -40.20
N GLN B 181 -4.95 18.04 -41.26
CA GLN B 181 -4.41 18.24 -42.62
C GLN B 181 -4.99 19.51 -43.21
N TRP B 182 -6.27 19.73 -42.96
CA TRP B 182 -6.99 20.92 -43.35
C TRP B 182 -6.32 22.16 -42.78
N VAL B 183 -6.01 22.12 -41.49
CA VAL B 183 -5.29 23.20 -40.83
C VAL B 183 -3.91 23.47 -41.47
N GLN B 184 -3.16 22.40 -41.76
CA GLN B 184 -1.86 22.55 -42.43
C GLN B 184 -2.02 23.27 -43.76
N GLU B 185 -3.01 22.86 -44.54
CA GLU B 185 -3.27 23.38 -45.89
C GLU B 185 -3.91 24.76 -45.91
N ASN B 186 -4.67 25.09 -44.87
CA ASN B 186 -5.55 26.26 -44.92
C ASN B 186 -5.39 27.32 -43.86
N ILE B 187 -4.75 26.99 -42.73
CA ILE B 187 -4.77 27.89 -41.57
C ILE B 187 -4.05 29.21 -41.80
N ALA B 188 -2.99 29.20 -42.62
CA ALA B 188 -2.29 30.43 -42.97
C ALA B 188 -3.25 31.51 -43.51
N ALA B 189 -4.35 31.10 -44.14
CA ALA B 189 -5.33 32.05 -44.68
C ALA B 189 -6.06 32.85 -43.60
N PHE B 190 -6.09 32.34 -42.37
CA PHE B 190 -6.75 32.98 -41.24
C PHE B 190 -5.73 33.72 -40.37
N GLY B 191 -4.47 33.69 -40.78
CA GLY B 191 -3.36 34.19 -39.97
C GLY B 191 -2.67 33.16 -39.10
N GLY B 192 -3.12 31.91 -39.13
CA GLY B 192 -2.52 30.83 -38.35
C GLY B 192 -1.16 30.38 -38.87
N ASP B 193 -0.31 29.89 -37.96
CA ASP B 193 1.01 29.38 -38.33
C ASP B 193 0.96 27.85 -38.37
N PRO B 194 0.91 27.24 -39.57
CA PRO B 194 0.83 25.77 -39.63
C PRO B 194 2.10 25.11 -39.07
N MET B 195 3.15 25.92 -38.88
CA MET B 195 4.39 25.43 -38.31
C MET B 195 4.41 25.54 -36.78
N SER B 196 3.28 25.97 -36.20
CA SER B 196 3.10 25.97 -34.75
C SER B 196 1.67 25.57 -34.39
N VAL B 197 1.45 24.27 -34.35
CA VAL B 197 0.16 23.72 -34.05
C VAL B 197 0.24 22.89 -32.79
N THR B 198 -0.63 23.22 -31.84
CA THR B 198 -0.70 22.52 -30.58
C THR B 198 -2.07 21.86 -30.47
N LEU B 199 -2.07 20.55 -30.30
CA LEU B 199 -3.32 19.84 -30.02
C LEU B 199 -3.62 19.93 -28.53
N PHE B 200 -4.83 20.27 -28.15
CA PHE B 200 -5.24 19.99 -26.78
C PHE B 200 -6.60 19.33 -26.79
N GLY B 201 -6.85 18.54 -25.76
CA GLY B 201 -8.11 17.81 -25.64
C GLY B 201 -8.23 17.26 -24.24
N GLU B 202 -9.45 16.86 -23.89
CA GLU B 202 -9.75 16.38 -22.55
C GLU B 202 -10.49 15.05 -22.63
N SER B 203 -10.19 14.16 -21.66
CA SER B 203 -10.79 12.84 -21.56
C SER B 203 -10.51 12.08 -22.84
N ALA B 204 -11.58 11.64 -23.53
CA ALA B 204 -11.45 10.94 -24.79
C ALA B 204 -10.74 11.81 -25.84
N GLY B 205 -10.86 13.13 -25.73
CA GLY B 205 -10.11 14.04 -26.62
C GLY B 205 -8.62 14.05 -26.33
N ALA B 206 -8.26 13.88 -25.06
CA ALA B 206 -6.87 13.78 -24.65
C ALA B 206 -6.31 12.43 -25.10
N ALA B 207 -7.09 11.36 -24.96
CA ALA B 207 -6.67 10.06 -25.51
C ALA B 207 -6.40 10.13 -27.02
N SER B 208 -7.26 10.87 -27.73
CA SER B 208 -7.12 11.12 -29.18
C SER B 208 -5.82 11.83 -29.51
N VAL B 209 -5.54 12.92 -28.81
CA VAL B 209 -4.21 13.60 -28.88
C VAL B 209 -3.07 12.62 -28.70
N GLY B 210 -3.17 11.73 -27.72
CA GLY B 210 -2.13 10.72 -27.48
C GLY B 210 -2.01 9.71 -28.62
N MET B 211 -3.13 9.36 -29.23
CA MET B 211 -3.09 8.51 -30.41
C MET B 211 -2.41 9.15 -31.63
N HIS B 212 -2.61 10.45 -31.81
CA HIS B 212 -1.90 11.21 -32.83
C HIS B 212 -0.40 11.24 -32.54
N ILE B 213 -0.02 11.39 -31.27
CA ILE B 213 1.39 11.21 -30.87
C ILE B 213 1.93 9.82 -31.28
N LEU B 214 1.11 8.79 -31.12
CA LEU B 214 1.52 7.39 -31.38
C LEU B 214 1.30 6.89 -32.81
N SER B 215 0.77 7.74 -33.67
CA SER B 215 0.54 7.38 -35.08
C SER B 215 1.32 8.28 -36.01
N LEU B 216 2.29 7.69 -36.70
CA LEU B 216 3.24 8.46 -37.50
C LEU B 216 2.64 9.42 -38.53
N PRO B 217 1.64 8.99 -39.33
CA PRO B 217 1.05 9.94 -40.27
C PRO B 217 0.52 11.24 -39.65
N SER B 218 0.19 11.23 -38.36
CA SER B 218 -0.35 12.42 -37.68
C SER B 218 0.76 13.35 -37.24
N ARG B 219 1.96 12.80 -37.08
CA ARG B 219 3.05 13.53 -36.43
C ARG B 219 3.57 14.74 -37.23
N SER B 220 3.42 14.70 -38.54
CA SER B 220 3.78 15.84 -39.36
C SER B 220 2.73 16.96 -39.31
N LEU B 221 1.65 16.77 -38.54
CA LEU B 221 0.52 17.70 -38.56
C LEU B 221 0.39 18.55 -37.28
N PHE B 222 1.33 18.41 -36.37
CA PHE B 222 1.33 19.12 -35.10
C PHE B 222 2.71 19.03 -34.47
N HIS B 223 2.96 19.89 -33.49
CA HIS B 223 4.31 20.05 -32.91
C HIS B 223 4.35 19.82 -31.40
N ARG B 224 3.26 20.19 -30.71
CA ARG B 224 3.13 20.06 -29.26
C ARG B 224 1.74 19.48 -28.95
N ALA B 225 1.55 18.95 -27.75
CA ALA B 225 0.30 18.29 -27.35
C ALA B 225 -0.04 18.58 -25.90
N VAL B 226 -1.35 18.69 -25.61
CA VAL B 226 -1.86 18.79 -24.23
C VAL B 226 -2.90 17.71 -24.04
N LEU B 227 -2.69 16.87 -23.01
CA LEU B 227 -3.63 15.80 -22.68
C LEU B 227 -4.17 16.08 -21.32
N GLN B 228 -5.44 16.47 -21.27
CA GLN B 228 -6.10 16.75 -20.02
C GLN B 228 -6.97 15.58 -19.65
N SER B 229 -6.68 14.95 -18.51
CA SER B 229 -7.54 13.91 -17.95
C SER B 229 -7.83 12.79 -18.94
N GLY B 230 -6.83 12.36 -19.70
CA GLY B 230 -7.00 11.21 -20.59
C GLY B 230 -5.71 10.85 -21.30
N THR B 231 -5.62 9.60 -21.77
CA THR B 231 -4.38 9.06 -22.31
C THR B 231 -4.71 7.97 -23.31
N PRO B 232 -3.79 7.73 -24.29
CA PRO B 232 -4.04 6.60 -25.22
C PRO B 232 -3.93 5.28 -24.48
N ASN B 233 -2.99 5.18 -23.55
CA ASN B 233 -2.80 4.00 -22.71
C ASN B 233 -3.90 3.92 -21.65
N GLY B 234 -4.03 2.77 -20.98
CA GLY B 234 -5.00 2.65 -19.90
C GLY B 234 -6.16 1.77 -20.29
N PRO B 235 -7.11 1.54 -19.37
CA PRO B 235 -8.10 0.45 -19.54
C PRO B 235 -9.28 0.73 -20.50
N TRP B 236 -9.48 2.00 -20.88
CA TRP B 236 -10.70 2.37 -21.62
C TRP B 236 -10.52 2.95 -23.04
N ALA B 237 -9.35 3.51 -23.33
CA ALA B 237 -9.18 4.32 -24.54
C ALA B 237 -9.11 3.51 -25.82
N THR B 238 -8.73 2.22 -25.69
CA THR B 238 -8.63 1.33 -26.83
C THR B 238 -9.18 -0.07 -26.53
N VAL B 239 -9.55 -0.78 -27.60
CA VAL B 239 -9.80 -2.22 -27.56
C VAL B 239 -8.92 -2.95 -28.57
N SER B 240 -8.72 -4.25 -28.34
CA SER B 240 -8.01 -5.11 -29.29
C SER B 240 -8.90 -5.33 -30.50
N ALA B 241 -8.32 -5.89 -31.56
CA ALA B 241 -9.06 -6.14 -32.77
C ALA B 241 -10.14 -7.20 -32.53
N GLY B 242 -9.78 -8.25 -31.79
CA GLY B 242 -10.72 -9.29 -31.39
C GLY B 242 -11.93 -8.79 -30.63
N GLU B 243 -11.72 -7.93 -29.64
CA GLU B 243 -12.83 -7.33 -28.89
C GLU B 243 -13.68 -6.32 -29.68
N ALA B 244 -13.08 -5.65 -30.66
CA ALA B 244 -13.82 -4.76 -31.57
C ALA B 244 -14.72 -5.58 -32.52
N ARG B 245 -14.16 -6.64 -33.09
CA ARG B 245 -14.89 -7.52 -33.98
C ARG B 245 -16.11 -8.13 -33.29
N ARG B 246 -15.92 -8.50 -32.02
CA ARG B 246 -16.93 -9.17 -31.22
C ARG B 246 -18.06 -8.18 -30.89
N ARG B 247 -17.68 -6.97 -30.49
CA ARG B 247 -18.65 -5.89 -30.21
C ARG B 247 -19.46 -5.42 -31.43
N ALA B 248 -18.83 -5.33 -32.60
CA ALA B 248 -19.54 -4.97 -33.83
C ALA B 248 -20.47 -6.08 -34.28
N THR B 249 -20.01 -7.33 -34.15
CA THR B 249 -20.82 -8.53 -34.47
C THR B 249 -22.04 -8.65 -33.57
N LEU B 250 -21.85 -8.43 -32.26
CA LEU B 250 -22.96 -8.37 -31.31
C LEU B 250 -23.98 -7.28 -31.67
N LEU B 251 -23.49 -6.06 -31.92
CA LEU B 251 -24.39 -4.96 -32.28
C LEU B 251 -25.20 -5.27 -33.54
N ALA B 252 -24.54 -5.83 -34.55
CA ALA B 252 -25.19 -6.23 -35.80
C ALA B 252 -26.23 -7.31 -35.54
N ARG B 253 -25.90 -8.23 -34.64
CA ARG B 253 -26.86 -9.25 -34.23
C ARG B 253 -28.08 -8.58 -33.57
N LEU B 254 -27.83 -7.61 -32.70
CA LEU B 254 -28.89 -6.90 -31.98
C LEU B 254 -29.85 -6.09 -32.86
N VAL B 255 -29.35 -5.55 -33.97
CA VAL B 255 -30.19 -4.80 -34.90
C VAL B 255 -30.71 -5.65 -36.09
N GLY B 256 -30.48 -6.96 -36.05
CA GLY B 256 -31.00 -7.87 -37.06
C GLY B 256 -30.12 -8.13 -38.27
N CYS B 257 -28.84 -7.82 -38.14
CA CYS B 257 -27.87 -8.05 -39.21
C CYS B 257 -27.01 -9.30 -38.93
N ASN B 265 -19.37 -13.30 -43.06
CA ASN B 265 -18.78 -12.43 -44.08
C ASN B 265 -18.98 -10.94 -43.77
N ASP B 266 -17.88 -10.19 -43.72
CA ASP B 266 -17.89 -8.79 -43.28
C ASP B 266 -18.70 -7.84 -44.17
N THR B 267 -18.50 -7.91 -45.49
CA THR B 267 -19.18 -7.02 -46.45
C THR B 267 -20.68 -7.04 -46.23
N GLU B 268 -21.24 -8.27 -46.19
CA GLU B 268 -22.66 -8.51 -45.95
C GLU B 268 -23.14 -7.89 -44.62
N LEU B 269 -22.36 -8.05 -43.56
CA LEU B 269 -22.74 -7.54 -42.25
C LEU B 269 -22.73 -6.01 -42.20
N ILE B 270 -21.68 -5.43 -42.77
CA ILE B 270 -21.49 -4.00 -42.79
C ILE B 270 -22.51 -3.31 -43.69
N ALA B 271 -22.83 -3.95 -44.82
CA ALA B 271 -23.86 -3.45 -45.73
C ALA B 271 -25.22 -3.34 -45.05
N CYS B 272 -25.58 -4.38 -44.29
CA CYS B 272 -26.81 -4.39 -43.49
C CYS B 272 -26.80 -3.31 -42.39
N LEU B 273 -25.65 -3.12 -41.76
CA LEU B 273 -25.52 -2.06 -40.76
C LEU B 273 -25.69 -0.68 -41.37
N ARG B 274 -25.29 -0.52 -42.63
CA ARG B 274 -25.44 0.77 -43.32
C ARG B 274 -26.90 1.10 -43.70
N THR B 275 -27.77 0.09 -43.70
CA THR B 275 -29.19 0.29 -43.96
C THR B 275 -29.94 0.78 -42.72
N ARG B 276 -29.33 0.64 -41.54
CA ARG B 276 -30.01 0.92 -40.29
C ARG B 276 -30.09 2.41 -39.98
N PRO B 277 -31.29 2.92 -39.62
CA PRO B 277 -31.40 4.28 -39.12
C PRO B 277 -30.41 4.54 -37.95
N ALA B 278 -29.87 5.75 -37.92
CA ALA B 278 -28.83 6.10 -36.97
C ALA B 278 -29.21 5.75 -35.51
N GLN B 279 -30.44 6.06 -35.10
CA GLN B 279 -30.86 5.85 -33.72
C GLN B 279 -30.97 4.38 -33.34
N ASP B 280 -31.16 3.51 -34.33
CA ASP B 280 -31.23 2.05 -34.10
C ASP B 280 -29.87 1.53 -33.62
N LEU B 281 -28.80 2.13 -34.15
CA LEU B 281 -27.43 1.80 -33.75
C LEU B 281 -27.13 2.33 -32.35
N VAL B 282 -27.41 3.62 -32.14
CA VAL B 282 -27.31 4.24 -30.81
C VAL B 282 -28.12 3.48 -29.72
N ASP B 283 -29.34 3.02 -30.08
CA ASP B 283 -30.18 2.28 -29.14
C ASP B 283 -29.54 1.01 -28.56
N HIS B 284 -28.57 0.43 -29.28
CA HIS B 284 -27.94 -0.82 -28.85
C HIS B 284 -26.46 -0.70 -28.54
N GLU B 285 -25.92 0.50 -28.73
CA GLU B 285 -24.53 0.83 -28.45
C GLU B 285 -24.02 0.24 -27.15
N TRP B 286 -24.78 0.52 -26.10
CA TRP B 286 -24.33 0.31 -24.73
C TRP B 286 -24.52 -1.15 -24.30
N HIS B 287 -25.20 -1.95 -25.12
CA HIS B 287 -25.50 -3.34 -24.78
C HIS B 287 -24.41 -4.33 -25.14
N VAL B 288 -23.30 -3.85 -25.71
CA VAL B 288 -22.22 -4.75 -26.19
C VAL B 288 -21.00 -4.86 -25.25
N LEU B 289 -20.98 -4.06 -24.18
CA LEU B 289 -19.91 -4.13 -23.19
C LEU B 289 -19.87 -5.52 -22.53
N PRO B 290 -18.65 -6.07 -22.35
CA PRO B 290 -18.54 -7.42 -21.78
C PRO B 290 -18.97 -7.55 -20.32
N GLN B 291 -18.89 -6.46 -19.55
CA GLN B 291 -19.29 -6.49 -18.13
C GLN B 291 -20.07 -5.22 -17.75
N GLU B 292 -20.80 -5.28 -16.64
CA GLU B 292 -21.36 -4.08 -16.04
C GLU B 292 -20.19 -3.23 -15.56
N SER B 293 -20.15 -1.98 -16.00
CA SER B 293 -18.98 -1.17 -15.75
C SER B 293 -19.30 0.31 -15.74
N ILE B 294 -18.33 1.11 -15.29
CA ILE B 294 -18.34 2.55 -15.50
C ILE B 294 -16.98 2.88 -16.09
N PHE B 295 -16.88 4.06 -16.69
CA PHE B 295 -15.67 4.51 -17.41
C PHE B 295 -15.24 3.48 -18.42
N ARG B 296 -16.23 2.85 -19.07
CA ARG B 296 -15.98 1.91 -20.12
C ARG B 296 -16.94 2.26 -21.25
N PHE B 297 -16.45 2.19 -22.48
CA PHE B 297 -17.17 2.71 -23.64
C PHE B 297 -17.11 1.71 -24.77
N SER B 298 -18.20 1.60 -25.51
CA SER B 298 -18.44 0.48 -26.41
C SER B 298 -17.60 0.53 -27.68
N PHE B 299 -17.59 1.67 -28.34
CA PHE B 299 -16.90 1.78 -29.61
C PHE B 299 -15.85 2.88 -29.49
N VAL B 300 -14.61 2.43 -29.46
CA VAL B 300 -13.45 3.28 -29.18
C VAL B 300 -12.35 2.84 -30.14
N PRO B 301 -11.24 3.59 -30.22
CA PRO B 301 -10.13 3.20 -31.05
C PRO B 301 -9.69 1.75 -30.88
N VAL B 302 -9.30 1.13 -31.98
CA VAL B 302 -8.98 -0.28 -31.97
C VAL B 302 -7.52 -0.43 -32.34
N VAL B 303 -6.81 -1.30 -31.64
CA VAL B 303 -5.46 -1.62 -32.06
C VAL B 303 -5.56 -2.40 -33.37
N ASP B 304 -5.46 -1.68 -34.49
CA ASP B 304 -5.68 -2.23 -35.84
C ASP B 304 -4.39 -2.70 -36.54
N GLY B 305 -3.24 -2.32 -35.99
CA GLY B 305 -1.95 -2.56 -36.65
C GLY B 305 -1.75 -1.61 -37.81
N ASP B 306 -2.53 -0.53 -37.84
CA ASP B 306 -2.46 0.47 -38.90
C ASP B 306 -2.38 1.87 -38.29
N PHE B 307 -3.53 2.46 -37.92
CA PHE B 307 -3.49 3.73 -37.21
C PHE B 307 -2.60 3.54 -35.98
N LEU B 308 -2.89 2.48 -35.22
CA LEU B 308 -2.09 2.06 -34.09
C LEU B 308 -1.37 0.76 -34.47
N SER B 309 -0.07 0.86 -34.69
CA SER B 309 0.73 -0.29 -35.13
C SER B 309 0.90 -1.32 -34.01
N ASP B 310 0.72 -0.88 -32.76
CA ASP B 310 0.74 -1.76 -31.59
C ASP B 310 -0.14 -1.11 -30.53
N THR B 311 -0.21 -1.69 -29.33
CA THR B 311 -0.99 -1.10 -28.22
C THR B 311 -0.34 0.22 -27.80
N PRO B 312 -1.15 1.20 -27.31
CA PRO B 312 -0.50 2.37 -26.75
C PRO B 312 0.60 2.03 -25.75
N GLU B 313 0.38 1.05 -24.87
CA GLU B 313 1.40 0.59 -23.91
C GLU B 313 2.72 0.26 -24.60
N ALA B 314 2.65 -0.55 -25.65
CA ALA B 314 3.84 -0.94 -26.42
C ALA B 314 4.52 0.26 -27.07
N LEU B 315 3.70 1.18 -27.60
CA LEU B 315 4.20 2.32 -28.36
C LEU B 315 4.79 3.44 -27.47
N ILE B 316 4.22 3.63 -26.29
CA ILE B 316 4.81 4.57 -25.31
C ILE B 316 6.11 3.99 -24.72
N ASN B 317 6.12 2.70 -24.41
CA ASN B 317 7.35 2.06 -23.90
C ASN B 317 8.52 2.17 -24.86
N THR B 318 8.27 2.07 -26.16
CA THR B 318 9.35 1.89 -27.13
C THR B 318 9.56 3.06 -28.09
N GLY B 319 8.75 4.10 -27.95
CA GLY B 319 8.80 5.25 -28.84
C GLY B 319 9.96 6.19 -28.55
N ASP B 320 10.28 6.99 -29.57
CA ASP B 320 11.29 8.03 -29.47
C ASP B 320 10.57 9.37 -29.56
N PHE B 321 10.57 10.12 -28.46
CA PHE B 321 9.77 11.34 -28.34
C PHE B 321 10.61 12.59 -28.16
N GLN B 322 11.81 12.56 -28.73
CA GLN B 322 12.81 13.62 -28.57
C GLN B 322 12.34 15.03 -28.97
N ASP B 323 11.65 15.16 -30.09
CA ASP B 323 11.29 16.50 -30.55
C ASP B 323 9.84 16.88 -30.21
N LEU B 324 9.38 16.42 -29.04
CA LEU B 324 8.01 16.63 -28.60
C LEU B 324 7.93 17.33 -27.24
N GLN B 325 6.98 18.24 -27.10
CA GLN B 325 6.65 18.84 -25.81
C GLN B 325 5.23 18.47 -25.46
N VAL B 326 5.02 18.05 -24.21
CA VAL B 326 3.68 17.63 -23.74
C VAL B 326 3.30 18.26 -22.41
N LEU B 327 2.08 18.76 -22.33
CA LEU B 327 1.48 19.18 -21.08
C LEU B 327 0.36 18.17 -20.72
N VAL B 328 0.49 17.50 -19.58
CA VAL B 328 -0.49 16.50 -19.16
C VAL B 328 -0.95 16.79 -17.74
N GLY B 329 -2.18 16.40 -17.43
CA GLY B 329 -2.63 16.62 -16.08
C GLY B 329 -3.97 16.01 -15.80
N VAL B 330 -4.43 16.20 -14.57
CA VAL B 330 -5.62 15.54 -14.05
C VAL B 330 -6.34 16.56 -13.20
N VAL B 331 -7.63 16.36 -12.93
CA VAL B 331 -8.34 17.19 -11.94
C VAL B 331 -8.35 16.45 -10.60
N LYS B 332 -8.71 17.16 -9.53
CA LYS B 332 -8.60 16.62 -8.18
C LYS B 332 -9.44 15.35 -7.95
N ASP B 333 -10.57 15.25 -8.63
CA ASP B 333 -11.50 14.15 -8.37
C ASP B 333 -11.96 13.49 -9.64
N GLU B 334 -11.02 12.87 -10.34
CA GLU B 334 -11.30 12.27 -11.64
C GLU B 334 -12.46 11.28 -11.64
N GLY B 335 -12.67 10.59 -10.54
CA GLY B 335 -13.63 9.48 -10.54
C GLY B 335 -15.05 9.77 -10.14
N SER B 336 -15.28 10.87 -9.44
CA SER B 336 -16.57 11.10 -8.79
C SER B 336 -17.73 11.11 -9.78
N TYR B 337 -17.52 11.80 -10.90
CA TYR B 337 -18.51 11.94 -11.95
C TYR B 337 -19.12 10.62 -12.39
N PHE B 338 -18.27 9.60 -12.55
CA PHE B 338 -18.63 8.32 -13.13
C PHE B 338 -19.43 7.43 -12.20
N LEU B 339 -19.39 7.76 -10.91
CA LEU B 339 -19.99 6.92 -9.87
C LEU B 339 -21.51 6.92 -9.92
N VAL B 340 -22.08 8.08 -10.23
CA VAL B 340 -23.56 8.25 -10.34
C VAL B 340 -24.19 7.56 -11.56
N TYR B 341 -23.35 7.03 -12.43
CA TYR B 341 -23.77 6.41 -13.71
C TYR B 341 -23.68 4.88 -13.72
N GLY B 342 -23.59 4.25 -12.56
CA GLY B 342 -23.53 2.79 -12.54
C GLY B 342 -23.35 2.12 -11.20
N VAL B 343 -22.75 2.85 -10.26
CA VAL B 343 -22.44 2.32 -8.92
C VAL B 343 -23.57 2.60 -7.92
N PRO B 344 -24.22 1.54 -7.38
CA PRO B 344 -25.27 1.69 -6.39
C PRO B 344 -24.82 2.42 -5.11
N GLY B 345 -25.69 3.28 -4.60
CA GLY B 345 -25.39 4.11 -3.44
C GLY B 345 -24.91 5.50 -3.80
N PHE B 346 -24.68 5.74 -5.09
CA PHE B 346 -24.14 7.02 -5.53
C PHE B 346 -25.17 7.88 -6.27
N SER B 347 -25.27 9.13 -5.83
CA SER B 347 -26.24 10.07 -6.37
C SER B 347 -25.73 11.50 -6.19
N LYS B 348 -26.07 12.37 -7.14
CA LYS B 348 -25.80 13.80 -6.99
C LYS B 348 -26.69 14.43 -5.92
N ASP B 349 -27.79 13.76 -5.60
CA ASP B 349 -28.82 14.36 -4.75
C ASP B 349 -28.72 14.07 -3.24
N ASN B 350 -27.68 13.31 -2.86
CA ASN B 350 -27.33 13.12 -1.45
C ASN B 350 -25.82 13.00 -1.29
N GLU B 351 -25.35 12.81 -0.06
CA GLU B 351 -23.91 12.71 0.24
C GLU B 351 -23.25 11.40 -0.18
N SER B 352 -24.03 10.44 -0.66
CA SER B 352 -23.53 9.18 -1.21
C SER B 352 -22.63 8.41 -0.23
N LEU B 353 -23.03 8.36 1.03
CA LEU B 353 -22.29 7.66 2.05
C LEU B 353 -22.60 6.18 1.93
N ILE B 354 -21.58 5.38 1.65
CA ILE B 354 -21.79 3.97 1.31
C ILE B 354 -21.28 2.97 2.36
N SER B 355 -21.80 1.75 2.27
CA SER B 355 -21.38 0.66 3.15
C SER B 355 -20.15 0.01 2.58
N ARG B 356 -19.51 -0.84 3.39
CA ARG B 356 -18.40 -1.66 2.93
C ARG B 356 -18.81 -2.58 1.77
N ALA B 357 -20.00 -3.16 1.86
CA ALA B 357 -20.51 -4.07 0.84
C ALA B 357 -20.72 -3.36 -0.49
N GLN B 358 -21.19 -2.12 -0.41
CA GLN B 358 -21.38 -1.25 -1.57
C GLN B 358 -20.05 -0.80 -2.19
N PHE B 359 -19.01 -0.76 -1.35
CA PHE B 359 -17.67 -0.46 -1.83
C PHE B 359 -17.06 -1.63 -2.60
N LEU B 360 -17.22 -2.85 -2.10
CA LEU B 360 -16.67 -4.02 -2.81
C LEU B 360 -17.40 -4.25 -4.14
N ALA B 361 -18.71 -4.01 -4.12
CA ALA B 361 -19.53 -4.15 -5.32
C ALA B 361 -19.18 -3.08 -6.33
N GLY B 362 -18.94 -1.86 -5.84
CA GLY B 362 -18.53 -0.75 -6.69
C GLY B 362 -17.19 -0.98 -7.35
N VAL B 363 -16.29 -1.68 -6.65
CA VAL B 363 -14.96 -2.00 -7.17
C VAL B 363 -15.05 -2.98 -8.36
N ARG B 364 -15.97 -3.94 -8.31
CA ARG B 364 -16.18 -4.88 -9.40
C ARG B 364 -16.69 -4.17 -10.64
N ILE B 365 -17.45 -3.09 -10.44
CA ILE B 365 -18.00 -2.29 -11.53
C ILE B 365 -16.95 -1.30 -12.04
N GLY B 366 -16.17 -0.74 -11.13
CA GLY B 366 -15.16 0.25 -11.47
C GLY B 366 -13.90 -0.34 -12.07
N VAL B 367 -13.64 -1.62 -11.75
CA VAL B 367 -12.52 -2.36 -12.30
C VAL B 367 -13.08 -3.66 -12.89
N PRO B 368 -13.89 -3.54 -13.97
CA PRO B 368 -14.68 -4.69 -14.47
C PRO B 368 -13.84 -5.87 -14.96
N GLN B 369 -12.58 -5.59 -15.28
CA GLN B 369 -11.66 -6.57 -15.83
C GLN B 369 -10.94 -7.34 -14.72
N ALA B 370 -11.15 -6.94 -13.47
CA ALA B 370 -10.48 -7.54 -12.31
C ALA B 370 -11.01 -8.92 -11.96
N SER B 371 -10.08 -9.85 -11.68
CA SER B 371 -10.40 -11.13 -11.08
C SER B 371 -10.79 -10.90 -9.62
N ASP B 372 -11.35 -11.92 -8.97
CA ASP B 372 -11.69 -11.82 -7.56
C ASP B 372 -10.50 -11.32 -6.76
N LEU B 373 -9.34 -11.95 -6.96
CA LEU B 373 -8.13 -11.60 -6.22
C LEU B 373 -7.66 -10.17 -6.47
N ALA B 374 -7.70 -9.72 -7.73
CA ALA B 374 -7.30 -8.36 -8.08
C ALA B 374 -8.21 -7.31 -7.46
N ALA B 375 -9.51 -7.58 -7.46
CA ALA B 375 -10.51 -6.71 -6.85
C ALA B 375 -10.31 -6.66 -5.33
N GLU B 376 -9.92 -7.78 -4.75
CA GLU B 376 -9.58 -7.83 -3.33
C GLU B 376 -8.34 -6.97 -3.00
N ALA B 377 -7.32 -7.03 -3.86
CA ALA B 377 -6.15 -6.17 -3.72
C ALA B 377 -6.55 -4.70 -3.76
N VAL B 378 -7.47 -4.35 -4.66
CA VAL B 378 -7.90 -2.96 -4.78
C VAL B 378 -8.57 -2.51 -3.48
N VAL B 379 -9.55 -3.29 -3.04
CA VAL B 379 -10.28 -3.03 -1.80
C VAL B 379 -9.34 -2.88 -0.61
N LEU B 380 -8.34 -3.74 -0.53
CA LEU B 380 -7.44 -3.73 0.61
C LEU B 380 -6.50 -2.53 0.60
N HIS B 381 -6.10 -2.11 -0.60
CA HIS B 381 -5.22 -0.96 -0.80
C HIS B 381 -5.92 0.36 -0.46
N TYR B 382 -7.18 0.46 -0.87
CA TYR B 382 -7.95 1.67 -0.74
C TYR B 382 -8.75 1.83 0.55
N THR B 383 -9.01 0.72 1.24
CA THR B 383 -9.58 0.77 2.58
C THR B 383 -8.62 1.53 3.52
N ASP B 384 -9.19 2.44 4.30
CA ASP B 384 -8.48 3.06 5.41
C ASP B 384 -8.67 2.14 6.61
N TRP B 385 -7.60 1.44 7.01
CA TRP B 385 -7.71 0.39 8.03
C TRP B 385 -7.82 0.94 9.44
N LEU B 386 -7.66 2.26 9.57
CA LEU B 386 -8.05 2.95 10.80
C LEU B 386 -9.57 3.14 10.85
N HIS B 387 -10.16 3.39 9.68
CA HIS B 387 -11.60 3.68 9.55
C HIS B 387 -12.21 2.75 8.49
N PRO B 388 -12.19 1.42 8.71
CA PRO B 388 -12.52 0.43 7.68
C PRO B 388 -13.96 0.52 7.17
N GLU B 389 -14.87 0.94 8.02
CA GLU B 389 -16.31 0.94 7.69
C GLU B 389 -16.89 2.34 7.62
N ASP B 390 -16.03 3.35 7.76
CA ASP B 390 -16.46 4.75 7.66
C ASP B 390 -16.99 5.07 6.27
N PRO B 391 -18.28 5.43 6.17
CA PRO B 391 -18.96 5.63 4.90
C PRO B 391 -18.41 6.77 4.04
N THR B 392 -17.93 7.85 4.68
CA THR B 392 -17.31 8.99 3.98
C THR B 392 -15.98 8.56 3.36
N HIS B 393 -15.21 7.77 4.11
CA HIS B 393 -13.96 7.22 3.60
C HIS B 393 -14.21 6.28 2.43
N LEU B 394 -15.19 5.38 2.59
CA LEU B 394 -15.49 4.41 1.55
C LEU B 394 -16.00 5.08 0.26
N ARG B 395 -16.77 6.15 0.41
CA ARG B 395 -17.25 6.95 -0.71
C ARG B 395 -16.09 7.61 -1.46
N ASP B 396 -15.20 8.29 -0.74
CA ASP B 396 -14.05 8.95 -1.36
C ASP B 396 -13.06 7.97 -1.98
N ALA B 397 -12.88 6.81 -1.34
CA ALA B 397 -12.01 5.74 -1.85
C ALA B 397 -12.54 5.19 -3.17
N MET B 398 -13.86 5.00 -3.25
CA MET B 398 -14.53 4.55 -4.48
C MET B 398 -14.27 5.50 -5.64
N SER B 399 -14.41 6.79 -5.38
CA SER B 399 -14.06 7.80 -6.36
C SER B 399 -12.61 7.66 -6.79
N ALA B 400 -11.72 7.63 -5.79
CA ALA B 400 -10.28 7.47 -6.04
C ALA B 400 -9.94 6.22 -6.83
N VAL B 401 -10.54 5.06 -6.51
CA VAL B 401 -10.32 3.87 -7.32
C VAL B 401 -10.56 4.16 -8.82
N VAL B 402 -11.72 4.75 -9.12
CA VAL B 402 -12.12 5.02 -10.51
C VAL B 402 -11.20 6.06 -11.17
N GLY B 403 -10.99 7.18 -10.49
CA GLY B 403 -10.11 8.23 -10.98
C GLY B 403 -8.68 7.76 -11.22
N ASP B 404 -8.11 7.08 -10.24
CA ASP B 404 -6.74 6.58 -10.31
C ASP B 404 -6.60 5.56 -11.41
N HIS B 405 -7.51 4.60 -11.45
CA HIS B 405 -7.44 3.49 -12.40
C HIS B 405 -7.54 4.01 -13.84
N ASN B 406 -8.43 4.97 -14.04
CA ASN B 406 -8.81 5.37 -15.38
C ASN B 406 -8.05 6.56 -15.90
N VAL B 407 -7.64 7.45 -15.01
CA VAL B 407 -6.99 8.68 -15.42
C VAL B 407 -5.63 8.95 -14.75
N VAL B 408 -5.59 9.00 -13.42
CA VAL B 408 -4.37 9.47 -12.73
C VAL B 408 -3.18 8.56 -12.99
N CYS B 409 -3.41 7.26 -12.91
CA CYS B 409 -2.29 6.36 -13.02
C CYS B 409 -1.83 6.21 -14.47
N PRO B 410 -2.76 6.04 -15.43
CA PRO B 410 -2.41 6.18 -16.86
C PRO B 410 -1.65 7.46 -17.24
N VAL B 411 -2.08 8.60 -16.70
CA VAL B 411 -1.37 9.87 -16.89
C VAL B 411 0.08 9.78 -16.36
N ALA B 412 0.24 9.31 -15.13
CA ALA B 412 1.57 9.18 -14.51
C ALA B 412 2.48 8.26 -15.31
N GLN B 413 1.92 7.15 -15.76
CA GLN B 413 2.60 6.21 -16.65
C GLN B 413 3.07 6.88 -17.96
N LEU B 414 2.15 7.58 -18.63
CA LEU B 414 2.46 8.27 -19.87
C LEU B 414 3.53 9.34 -19.67
N ALA B 415 3.30 10.23 -18.70
CA ALA B 415 4.27 11.27 -18.33
C ALA B 415 5.68 10.70 -18.15
N GLY B 416 5.77 9.56 -17.48
CA GLY B 416 7.04 8.95 -17.16
C GLY B 416 7.73 8.32 -18.34
N ARG B 417 6.97 7.61 -19.18
CA ARG B 417 7.49 7.05 -20.42
C ARG B 417 7.92 8.15 -21.40
N LEU B 418 7.10 9.19 -21.53
CA LEU B 418 7.43 10.31 -22.41
C LEU B 418 8.70 11.01 -21.96
N ALA B 419 8.82 11.27 -20.65
CA ALA B 419 9.98 11.96 -20.10
C ALA B 419 11.26 11.12 -20.22
N ALA B 420 11.14 9.81 -19.98
CA ALA B 420 12.27 8.90 -20.08
C ALA B 420 12.75 8.75 -21.52
N GLN B 421 11.83 8.94 -22.47
CA GLN B 421 12.14 8.74 -23.88
C GLN B 421 12.31 10.02 -24.70
N GLY B 422 12.72 11.10 -24.03
CA GLY B 422 13.13 12.33 -24.71
C GLY B 422 12.15 13.48 -24.79
N ALA B 423 10.88 13.25 -24.43
CA ALA B 423 9.90 14.35 -24.49
C ALA B 423 10.13 15.36 -23.38
N ARG B 424 9.89 16.62 -23.70
CA ARG B 424 9.76 17.66 -22.68
C ARG B 424 8.34 17.61 -22.14
N VAL B 425 8.18 17.34 -20.84
CA VAL B 425 6.85 17.08 -20.24
C VAL B 425 6.58 18.01 -19.06
N TYR B 426 5.38 18.59 -19.02
CA TYR B 426 4.91 19.37 -17.88
C TYR B 426 3.64 18.73 -17.35
N ALA B 427 3.51 18.63 -16.03
CA ALA B 427 2.35 17.96 -15.43
C ALA B 427 1.67 18.84 -14.40
N TYR B 428 0.36 18.65 -14.23
CA TYR B 428 -0.41 19.49 -13.31
C TYR B 428 -1.51 18.66 -12.65
N ILE B 429 -1.97 19.14 -11.49
CA ILE B 429 -3.24 18.71 -10.93
C ILE B 429 -4.07 19.95 -10.74
N PHE B 430 -5.30 19.88 -11.22
CA PHE B 430 -6.20 21.01 -11.18
C PHE B 430 -7.18 20.81 -10.01
N GLU B 431 -7.17 21.76 -9.05
CA GLU B 431 -7.88 21.56 -7.78
C GLU B 431 -8.82 22.70 -7.41
N HIS B 432 -9.15 23.56 -8.36
CA HIS B 432 -10.16 24.55 -8.10
C HIS B 432 -11.55 24.05 -8.53
N ARG B 433 -12.50 24.12 -7.60
CA ARG B 433 -13.89 23.77 -7.88
C ARG B 433 -14.65 25.04 -8.20
N ALA B 434 -15.18 25.12 -9.43
CA ALA B 434 -15.97 26.27 -9.87
C ALA B 434 -17.03 26.60 -8.84
N SER B 435 -17.22 27.90 -8.58
CA SER B 435 -18.19 28.39 -7.63
C SER B 435 -19.61 28.17 -8.17
N THR B 436 -19.70 27.99 -9.47
CA THR B 436 -20.96 27.83 -10.20
C THR B 436 -21.32 26.34 -10.43
N LEU B 437 -20.50 25.42 -9.93
CA LEU B 437 -20.69 23.97 -10.17
C LEU B 437 -21.99 23.47 -9.56
N THR B 438 -22.75 22.69 -10.33
CA THR B 438 -24.09 22.25 -9.90
C THR B 438 -24.11 20.86 -9.27
N TRP B 439 -23.01 20.12 -9.42
CA TRP B 439 -22.81 18.85 -8.73
C TRP B 439 -22.58 19.07 -7.23
N PRO B 440 -22.92 18.07 -6.39
CA PRO B 440 -22.72 18.21 -4.93
C PRO B 440 -21.26 18.28 -4.53
N LEU B 441 -21.01 18.69 -3.29
CA LEU B 441 -19.66 18.93 -2.82
C LEU B 441 -18.79 17.67 -2.75
N TRP B 442 -19.42 16.54 -2.44
CA TRP B 442 -18.67 15.31 -2.24
C TRP B 442 -17.95 14.91 -3.53
N MET B 443 -18.46 15.40 -4.65
CA MET B 443 -17.88 15.11 -5.96
C MET B 443 -16.58 15.89 -6.21
N GLY B 444 -16.35 16.93 -5.40
CA GLY B 444 -15.15 17.77 -5.45
C GLY B 444 -14.94 18.57 -6.74
N VAL B 445 -13.76 18.36 -7.35
CA VAL B 445 -13.48 18.87 -8.69
C VAL B 445 -13.60 17.72 -9.69
N PRO B 446 -14.78 17.59 -10.34
CA PRO B 446 -15.02 16.43 -11.20
C PRO B 446 -14.37 16.51 -12.59
N HIS B 447 -14.19 15.34 -13.20
CA HIS B 447 -13.78 15.17 -14.59
C HIS B 447 -14.49 16.14 -15.52
N GLY B 448 -13.72 16.94 -16.26
CA GLY B 448 -14.28 17.89 -17.22
C GLY B 448 -14.40 19.33 -16.73
N TYR B 449 -14.33 19.56 -15.43
CA TYR B 449 -14.62 20.90 -14.90
C TYR B 449 -13.44 21.90 -14.78
N GLU B 450 -12.33 21.55 -15.42
CA GLU B 450 -11.23 22.49 -15.66
C GLU B 450 -11.33 23.20 -17.02
N ILE B 451 -12.13 22.66 -17.95
CA ILE B 451 -12.15 23.14 -19.32
C ILE B 451 -12.64 24.58 -19.43
N GLU B 452 -13.70 24.90 -18.70
CA GLU B 452 -14.28 26.23 -18.73
C GLU B 452 -13.28 27.31 -18.31
N PHE B 453 -12.35 26.96 -17.42
CA PHE B 453 -11.26 27.83 -17.01
C PHE B 453 -10.15 27.98 -18.05
N ILE B 454 -9.70 26.86 -18.62
CA ILE B 454 -8.69 26.88 -19.70
C ILE B 454 -9.20 27.69 -20.88
N PHE B 455 -10.46 27.46 -21.28
CA PHE B 455 -11.10 28.24 -22.36
C PHE B 455 -11.39 29.69 -22.01
N GLY B 456 -11.38 30.02 -20.73
CA GLY B 456 -11.51 31.42 -20.30
C GLY B 456 -12.92 31.94 -20.12
N LEU B 457 -13.88 31.05 -19.92
CA LEU B 457 -15.28 31.46 -19.68
C LEU B 457 -15.52 32.43 -18.50
N PRO B 458 -14.78 32.30 -17.38
CA PRO B 458 -14.90 33.32 -16.31
C PRO B 458 -14.69 34.77 -16.70
N LEU B 459 -14.05 35.01 -17.84
CA LEU B 459 -13.84 36.37 -18.34
C LEU B 459 -15.14 37.02 -18.83
N ASP B 460 -16.16 36.20 -19.03
CA ASP B 460 -17.49 36.64 -19.43
C ASP B 460 -18.28 36.99 -18.17
N PRO B 461 -18.56 38.29 -17.95
CA PRO B 461 -19.21 38.76 -16.71
C PRO B 461 -20.61 38.18 -16.48
N SER B 462 -21.30 37.83 -17.57
CA SER B 462 -22.65 37.29 -17.50
C SER B 462 -22.74 35.90 -16.86
N LEU B 463 -21.61 35.20 -16.77
CA LEU B 463 -21.59 33.82 -16.26
C LEU B 463 -21.49 33.73 -14.73
N ASN B 464 -21.19 34.85 -14.07
CA ASN B 464 -21.25 34.92 -12.60
C ASN B 464 -20.13 34.20 -11.81
N TYR B 465 -19.03 33.89 -12.48
CA TYR B 465 -17.82 33.48 -11.77
C TYR B 465 -17.32 34.61 -10.88
N THR B 466 -16.54 34.26 -9.87
CA THR B 466 -15.97 35.26 -8.96
C THR B 466 -14.82 35.99 -9.63
N THR B 467 -14.40 37.11 -9.06
CA THR B 467 -13.28 37.88 -9.60
C THR B 467 -11.97 37.07 -9.58
N GLU B 468 -11.79 36.27 -8.52
CA GLU B 468 -10.61 35.41 -8.35
C GLU B 468 -10.56 34.32 -9.42
N GLU B 469 -11.72 33.91 -9.89
CA GLU B 469 -11.80 32.88 -10.92
C GLU B 469 -11.48 33.45 -12.31
N ARG B 470 -11.84 34.71 -12.52
CA ARG B 470 -11.45 35.45 -13.72
C ARG B 470 -9.92 35.60 -13.80
N ILE B 471 -9.31 35.98 -12.69
CA ILE B 471 -7.86 36.13 -12.60
C ILE B 471 -7.15 34.78 -12.82
N PHE B 472 -7.73 33.72 -12.23
CA PHE B 472 -7.27 32.34 -12.37
C PHE B 472 -7.39 31.84 -13.80
N ALA B 473 -8.55 32.07 -14.43
CA ALA B 473 -8.78 31.67 -15.82
C ALA B 473 -7.74 32.34 -16.75
N GLN B 474 -7.45 33.60 -16.46
CA GLN B 474 -6.43 34.36 -17.18
C GLN B 474 -5.03 33.76 -17.04
N ARG B 475 -4.66 33.37 -15.82
CA ARG B 475 -3.42 32.61 -15.60
C ARG B 475 -3.35 31.34 -16.45
N LEU B 476 -4.45 30.58 -16.50
CA LEU B 476 -4.46 29.28 -17.20
C LEU B 476 -4.37 29.42 -18.71
N MET B 477 -5.10 30.40 -19.24
CA MET B 477 -5.03 30.73 -20.65
C MET B 477 -3.60 31.07 -21.05
N LYS B 478 -2.89 31.78 -20.18
CA LYS B 478 -1.48 32.10 -20.34
C LYS B 478 -0.56 30.87 -20.34
N TYR B 479 -0.78 29.92 -19.44
CA TYR B 479 0.03 28.70 -19.38
C TYR B 479 -0.13 27.94 -20.68
N TRP B 480 -1.38 27.73 -21.08
CA TRP B 480 -1.73 26.95 -22.27
C TRP B 480 -1.23 27.57 -23.57
N THR B 481 -1.38 28.89 -23.72
CA THR B 481 -0.92 29.57 -24.91
C THR B 481 0.61 29.75 -24.91
N ASN B 482 1.22 30.00 -23.75
CA ASN B 482 2.68 30.00 -23.66
C ASN B 482 3.20 28.62 -24.04
N PHE B 483 2.56 27.59 -23.52
CA PHE B 483 2.92 26.26 -23.93
C PHE B 483 2.83 26.15 -25.46
N ALA B 484 1.70 26.59 -26.04
CA ALA B 484 1.48 26.54 -27.48
C ALA B 484 2.57 27.25 -28.27
N ARG B 485 2.93 28.45 -27.82
CA ARG B 485 3.93 29.26 -28.47
C ARG B 485 5.34 28.66 -28.42
N THR B 486 5.66 27.97 -27.31
CA THR B 486 7.05 27.69 -26.98
C THR B 486 7.34 26.29 -26.47
N GLY B 487 6.29 25.55 -26.11
CA GLY B 487 6.48 24.23 -25.50
C GLY B 487 6.86 24.32 -24.02
N ASP B 488 6.82 25.53 -23.48
CA ASP B 488 7.07 25.81 -22.07
C ASP B 488 5.93 26.69 -21.57
N PRO B 489 5.16 26.24 -20.57
CA PRO B 489 4.00 26.99 -20.07
C PRO B 489 4.37 28.22 -19.24
N ASN B 490 5.65 28.40 -18.95
CA ASN B 490 6.11 29.53 -18.13
C ASN B 490 6.13 30.87 -18.88
N ASP B 491 5.70 31.92 -18.19
CA ASP B 491 5.72 33.28 -18.73
C ASP B 491 7.18 33.72 -18.94
N PRO B 492 7.57 33.99 -20.21
CA PRO B 492 8.98 34.24 -20.59
C PRO B 492 9.50 35.59 -20.11
N ARG B 493 8.58 36.44 -19.68
CA ARG B 493 8.91 37.69 -19.03
C ARG B 493 8.03 37.84 -17.79
N ASP B 494 8.00 36.77 -16.99
CA ASP B 494 7.49 36.82 -15.62
C ASP B 494 8.57 36.26 -14.70
N SER B 495 9.16 37.13 -13.89
CA SER B 495 10.38 36.81 -13.16
C SER B 495 10.18 36.41 -11.68
N LYS B 496 8.94 36.09 -11.31
CA LYS B 496 8.56 35.62 -9.96
C LYS B 496 7.23 34.89 -10.16
N SER B 497 7.01 33.80 -9.41
CA SER B 497 6.04 32.81 -9.89
C SER B 497 5.45 31.74 -8.91
N PRO B 498 6.23 30.74 -8.44
CA PRO B 498 7.56 30.26 -8.87
C PRO B 498 7.41 29.59 -10.24
N GLN B 499 8.47 29.00 -10.76
CA GLN B 499 8.40 28.41 -12.10
C GLN B 499 7.75 27.02 -12.08
N TRP B 500 7.19 26.65 -13.23
CA TRP B 500 6.62 25.34 -13.43
C TRP B 500 7.73 24.44 -14.02
N PRO B 501 8.26 23.49 -13.23
CA PRO B 501 9.38 22.69 -13.73
C PRO B 501 8.92 21.54 -14.62
N PRO B 502 9.78 21.11 -15.58
CA PRO B 502 9.41 19.93 -16.35
C PRO B 502 9.29 18.71 -15.44
N TYR B 503 8.28 17.88 -15.71
CA TYR B 503 8.17 16.54 -15.15
C TYR B 503 9.29 15.64 -15.69
N THR B 504 9.96 14.95 -14.77
CA THR B 504 11.02 13.98 -15.07
C THR B 504 10.78 12.72 -14.26
N THR B 505 11.46 11.65 -14.63
CA THR B 505 11.31 10.39 -13.89
C THR B 505 12.04 10.43 -12.55
N ALA B 506 13.16 11.17 -12.49
CA ALA B 506 13.92 11.32 -11.25
C ALA B 506 13.15 12.11 -10.19
N ALA B 507 12.71 13.32 -10.53
CA ALA B 507 12.07 14.21 -9.55
C ALA B 507 10.55 14.16 -9.56
N GLN B 508 9.95 13.74 -10.67
CA GLN B 508 8.48 13.57 -10.77
C GLN B 508 7.68 14.80 -10.34
N GLN B 509 8.18 15.99 -10.67
CA GLN B 509 7.58 17.26 -10.28
C GLN B 509 6.39 17.68 -11.15
N TYR B 510 5.33 18.10 -10.47
CA TYR B 510 4.12 18.61 -11.13
C TYR B 510 3.63 19.79 -10.31
N VAL B 511 2.67 20.54 -10.84
CA VAL B 511 2.20 21.73 -10.12
C VAL B 511 0.72 21.61 -9.83
N SER B 512 0.28 22.29 -8.78
CA SER B 512 -1.15 22.44 -8.52
C SER B 512 -1.64 23.73 -9.15
N LEU B 513 -2.74 23.58 -9.88
CA LEU B 513 -3.46 24.70 -10.45
C LEU B 513 -4.70 24.95 -9.60
N ASN B 514 -4.65 26.03 -8.83
CA ASN B 514 -5.77 26.47 -8.02
C ASN B 514 -5.66 27.97 -7.88
N LEU B 515 -6.36 28.55 -6.91
CA LEU B 515 -6.42 30.00 -6.80
C LEU B 515 -5.14 30.59 -6.19
N LYS B 516 -4.35 29.76 -5.52
CA LYS B 516 -3.07 30.17 -4.95
C LYS B 516 -1.97 30.09 -6.03
N PRO B 517 -0.83 30.78 -5.82
CA PRO B 517 0.30 30.65 -6.77
C PRO B 517 0.76 29.19 -6.97
N LEU B 518 1.35 28.88 -8.13
CA LEU B 518 1.84 27.52 -8.38
C LEU B 518 2.60 26.97 -7.20
N GLU B 519 2.33 25.71 -6.89
CA GLU B 519 3.07 24.98 -5.88
C GLU B 519 3.60 23.74 -6.56
N VAL B 520 4.89 23.48 -6.37
CA VAL B 520 5.53 22.31 -6.95
C VAL B 520 5.38 21.12 -5.98
N ARG B 521 4.92 19.99 -6.51
CA ARG B 521 4.79 18.78 -5.72
C ARG B 521 5.56 17.69 -6.44
N ARG B 522 5.97 16.65 -5.72
CA ARG B 522 6.74 15.57 -6.33
C ARG B 522 5.96 14.27 -6.22
N GLY B 523 5.82 13.53 -7.32
CA GLY B 523 5.23 12.21 -7.26
C GLY B 523 3.73 12.28 -7.38
N LEU B 524 3.21 11.95 -8.55
CA LEU B 524 1.79 12.01 -8.82
C LEU B 524 1.20 10.64 -8.44
N ARG B 525 0.66 10.57 -7.22
CA ARG B 525 0.21 9.32 -6.59
C ARG B 525 1.20 8.17 -6.73
N ALA B 526 2.46 8.41 -6.42
CA ALA B 526 3.52 7.46 -6.75
C ALA B 526 3.27 6.04 -6.21
N GLN B 527 2.90 5.91 -4.94
CA GLN B 527 2.73 4.59 -4.30
C GLN B 527 1.55 3.85 -4.88
N THR B 528 0.43 4.55 -4.93
CA THR B 528 -0.80 3.98 -5.43
C THR B 528 -0.69 3.65 -6.93
N CYS B 529 -0.03 4.50 -7.70
CA CYS B 529 0.09 4.23 -9.12
C CYS B 529 1.06 3.09 -9.43
N ALA B 530 2.01 2.86 -8.54
CA ALA B 530 2.87 1.67 -8.63
C ALA B 530 2.03 0.40 -8.48
N PHE B 531 1.00 0.48 -7.64
CA PHE B 531 0.07 -0.62 -7.49
C PHE B 531 -0.66 -0.87 -8.82
N TRP B 532 -1.27 0.19 -9.37
CA TRP B 532 -1.97 0.11 -10.64
C TRP B 532 -1.05 -0.21 -11.82
N ASN B 533 0.11 0.47 -11.90
CA ASN B 533 0.99 0.37 -13.08
C ASN B 533 1.96 -0.80 -13.10
N ARG B 534 2.40 -1.22 -11.92
CA ARG B 534 3.37 -2.29 -11.84
C ARG B 534 2.83 -3.58 -11.27
N PHE B 535 2.02 -3.50 -10.22
CA PHE B 535 1.60 -4.71 -9.56
C PHE B 535 0.37 -5.35 -10.18
N LEU B 536 -0.68 -4.57 -10.39
CA LEU B 536 -1.89 -5.15 -10.98
C LEU B 536 -1.65 -5.96 -12.28
N PRO B 537 -0.91 -5.41 -13.28
CA PRO B 537 -0.62 -6.18 -14.48
C PRO B 537 -0.06 -7.57 -14.18
N LYS B 538 0.83 -7.66 -13.19
CA LYS B 538 1.43 -8.94 -12.80
C LYS B 538 0.43 -9.86 -12.08
N LEU B 539 -0.49 -9.28 -11.33
CA LEU B 539 -1.48 -10.06 -10.58
C LEU B 539 -2.54 -10.67 -11.47
N LEU B 540 -3.12 -9.85 -12.36
CA LEU B 540 -4.12 -10.32 -13.31
C LEU B 540 -3.56 -11.40 -14.23
N SER B 541 -2.38 -11.15 -14.81
CA SER B 541 -1.76 -12.11 -15.72
C SER B 541 -1.46 -13.44 -15.04
N ALA B 542 -0.86 -13.39 -13.85
CA ALA B 542 -0.50 -14.59 -13.10
C ALA B 542 -1.74 -15.39 -12.68
N THR B 543 -2.62 -14.76 -11.88
CA THR B 543 -3.79 -15.42 -11.25
C THR B 543 -3.72 -16.97 -11.05
C1 NAG C . 29.12 -2.97 4.88
C2 NAG C . 29.40 -2.90 3.36
C3 NAG C . 28.85 -4.12 2.59
C4 NAG C . 29.46 -5.40 3.16
C5 NAG C . 29.36 -5.46 4.69
C6 NAG C . 30.27 -6.57 5.25
C7 NAG C . 29.92 -0.98 1.99
C8 NAG C . 29.56 -0.73 0.56
N2 NAG C . 29.02 -1.62 2.76
O3 NAG C . 29.13 -4.08 1.20
O4 NAG C . 28.83 -6.52 2.54
O5 NAG C . 29.67 -4.20 5.33
O6 NAG C . 31.53 -6.06 5.71
O7 NAG C . 31.02 -0.62 2.43
C1 FUC C . 32.58 -6.90 5.37
C2 FUC C . 33.53 -6.40 4.26
C3 FUC C . 34.31 -5.11 4.55
C4 FUC C . 33.45 -4.03 5.25
C5 FUC C . 32.49 -4.62 6.31
C6 FUC C . 32.61 -3.98 7.70
O2 FUC C . 32.84 -6.29 3.02
O3 FUC C . 35.47 -5.40 5.30
O4 FUC C . 34.27 -2.99 5.76
O5 FUC C . 32.50 -6.06 6.46
C1 NAG D . 31.06 3.08 33.19
C2 NAG D . 31.75 1.85 32.56
C3 NAG D . 33.16 1.58 33.14
C4 NAG D . 33.98 2.88 33.22
C5 NAG D . 33.17 3.92 34.00
C6 NAG D . 33.92 5.23 34.27
C7 NAG D . 30.08 0.23 31.74
C8 NAG D . 29.40 -1.08 31.98
N2 NAG D . 30.93 0.65 32.68
O3 NAG D . 33.85 0.59 32.39
O4 NAG D . 35.26 2.65 33.78
O5 NAG D . 31.95 4.19 33.31
O6 NAG D . 34.35 5.83 33.07
O7 NAG D . 29.84 0.87 30.70
O3 HI6 E . 17.67 -22.05 14.01
C14 HI6 E . 18.83 -21.97 14.35
N4 HI6 E . 19.48 -23.02 14.85
C11 HI6 E . 19.49 -20.65 14.16
C10 HI6 E . 20.71 -20.27 14.73
C9 HI6 E . 21.21 -18.99 14.48
N3 HI6 E . 20.50 -18.13 13.71
C13 HI6 E . 19.34 -18.49 13.15
C12 HI6 E . 18.81 -19.75 13.36
C8 HI6 E . 20.97 -16.80 13.36
O2 HI6 E . 21.57 -16.07 14.41
C7 HI6 E . 21.20 -14.71 14.24
N2 HI6 E . 20.35 -14.36 15.35
C2 HI6 E . 19.02 -14.56 15.25
C1 HI6 E . 18.39 -15.11 14.01
N1 HI6 E . 18.37 -14.57 12.87
O1 HI6 E . 17.73 -15.23 11.82
C3 HI6 E . 18.20 -14.26 16.36
C4 HI6 E . 18.77 -13.76 17.53
C5 HI6 E . 20.16 -13.57 17.58
C6 HI6 E . 20.93 -13.89 16.47
C8 P4G F . -8.45 7.69 -0.62
C7 P4G F . -7.33 6.81 -1.19
O4 P4G F . -6.95 5.78 -0.27
C6 P4G F . -5.59 5.35 -0.44
C5 P4G F . -5.08 4.53 0.75
O3 P4G F . -5.85 4.78 1.94
C4 P4G F . -5.10 4.64 3.14
C3 P4G F . -5.23 5.88 4.02
O2 P4G F . -3.92 6.40 4.29
C2 P4G F . -3.92 7.69 4.90
C1 P4G F . -2.58 8.40 4.68
O1 P6G G . -2.20 2.72 0.65
C2 P6G G . -1.63 1.53 0.83
C3 P6G G . -2.37 0.46 1.11
O4 P6G G . -1.70 -0.82 1.28
C5 P6G G . -2.14 -1.76 2.29
C6 P6G G . -2.68 -2.93 1.98
O7 P6G G . -2.87 -3.35 0.61
C8 P6G G . -3.21 -4.71 0.31
C9 P6G G . -3.13 -4.96 -1.20
O10 P6G G . -1.85 -4.66 -1.75
C11 P6G G . -1.27 -5.51 -2.78
C12 P6G G . -0.14 -5.21 -3.41
O13 P6G G . 0.64 -3.99 -3.19
C14 P6G G . 1.82 -3.75 -4.03
C15 P6G G . 2.25 -2.55 -4.44
O16 P6G G . 1.61 -1.28 -4.14
C17 P6G G . 2.09 -0.32 -3.15
C18 P6G G . 1.37 -0.03 -2.06
O19 P6G G . 1.81 0.84 -1.14
C1 NAG H . -28.89 8.56 -2.13
C2 NAG H . -28.69 7.44 -1.09
C3 NAG H . -29.26 6.04 -1.41
C4 NAG H . -29.64 5.76 -2.87
C5 NAG H . -29.22 6.88 -3.84
C6 NAG H . -29.83 6.71 -5.24
C7 NAG H . -26.71 6.81 0.31
C8 NAG H . -26.04 5.47 0.14
N2 NAG H . -27.25 7.34 -0.80
O3 NAG H . -30.39 5.78 -0.59
O4 NAG H . -29.09 4.51 -3.26
O5 NAG H . -29.61 8.13 -3.29
O6 NAG H . -31.18 7.10 -5.30
O7 NAG H . -26.75 7.40 1.40
O3 HI6 I . -20.33 3.29 -24.11
C14 HI6 I . -21.34 3.97 -24.14
N4 HI6 I . -22.06 4.04 -25.26
C11 HI6 I . -21.78 4.72 -22.92
C10 HI6 I . -22.93 5.53 -22.93
C9 HI6 I . -23.31 6.23 -21.78
N3 HI6 I . -22.58 6.14 -20.65
C13 HI6 I . -21.47 5.36 -20.61
C12 HI6 I . -21.05 4.65 -21.74
C8 HI6 I . -23.00 6.87 -19.44
O2 HI6 I . -22.59 8.23 -19.45
C7 HI6 I . -21.81 8.60 -18.31
N2 HI6 I . -20.68 9.40 -18.79
C2 HI6 I . -19.50 8.79 -19.04
C1 HI6 I . -19.33 7.32 -18.83
N1 HI6 I . -19.59 6.72 -17.74
O1 HI6 I . -19.39 5.35 -17.63
C3 HI6 I . -18.43 9.54 -19.55
C4 HI6 I . -18.58 10.92 -19.76
C5 HI6 I . -19.81 11.50 -19.49
C6 HI6 I . -20.87 10.72 -18.99
#